data_3LLW
#
_entry.id   3LLW
#
_cell.length_a   59.040
_cell.length_b   123.844
_cell.length_c   111.617
_cell.angle_alpha   90.00
_cell.angle_beta   92.67
_cell.angle_gamma   90.00
#
_symmetry.space_group_name_H-M   'P 1 21 1'
#
loop_
_entity.id
_entity.type
_entity.pdbx_description
1 polymer 'Geranyltranstransferase (IspA)'
2 non-polymer 'SULFATE ION'
3 water water
#
_entity_poly.entity_id   1
_entity_poly.type   'polypeptide(L)'
_entity_poly.pdbx_seq_one_letter_code
;MSLSSPNLSFYYNECERFESFLKNHHLHLESFHPYLEKAFFEMVLNGGKRFRPKLFLAVLCALVGQKDYSNQQTEYFKIA
LSIECLHTYSLIHDDLPCMDNAALRRNHPTLHAKYDETTAVLIGDALNTYSFELLSNALLESHIIVELIKILSANGGIKG
MILGQALDCYFENTPLNLEQLTFLHEHKTAKLISASLIMGLVASGIKDEELFKWLQAFGLKMGLCFQVLDDIIDVTQDEE
ESGKTTHLDSAKNSFVNLLGLERANNYAQTLKTEVLNDLDALKPAYPLLQENLNALLNTLFKGEGHHHHHH
;
_entity_poly.pdbx_strand_id   A,B,C,D
#
loop_
_chem_comp.id
_chem_comp.type
_chem_comp.name
_chem_comp.formula
SO4 non-polymer 'SULFATE ION' 'O4 S -2'
#
# COMPACT_ATOMS: atom_id res chain seq x y z
N SER A 2 -10.11 42.63 0.15
CA SER A 2 -11.33 43.39 -0.28
C SER A 2 -11.79 42.97 -1.69
N LEU A 3 -12.10 43.96 -2.53
CA LEU A 3 -12.64 43.72 -3.86
C LEU A 3 -11.56 43.63 -4.94
N SER A 4 -11.60 42.54 -5.69
CA SER A 4 -10.54 42.23 -6.65
C SER A 4 -10.64 43.05 -7.93
N SER A 5 -9.53 43.71 -8.27
CA SER A 5 -9.32 44.44 -9.52
C SER A 5 -9.33 43.47 -10.72
N PRO A 6 -9.39 43.98 -11.98
CA PRO A 6 -9.31 43.06 -13.13
C PRO A 6 -8.05 42.19 -13.19
N ASN A 7 -6.89 42.78 -12.97
CA ASN A 7 -5.61 42.07 -12.89
C ASN A 7 -5.61 40.91 -11.89
N LEU A 8 -6.11 41.17 -10.69
CA LEU A 8 -6.14 40.21 -9.60
C LEU A 8 -7.22 39.16 -9.83
N SER A 9 -8.26 39.57 -10.56
CA SER A 9 -9.39 38.70 -10.87
C SER A 9 -8.99 37.73 -11.96
N PHE A 10 -8.20 38.23 -12.92
CA PHE A 10 -7.65 37.45 -14.00
C PHE A 10 -6.68 36.38 -13.48
N TYR A 11 -5.86 36.78 -12.50
CA TYR A 11 -4.88 35.90 -11.89
C TYR A 11 -5.53 34.78 -11.10
N TYR A 12 -6.53 35.10 -10.29
CA TYR A 12 -7.26 34.09 -9.51
C TYR A 12 -7.91 33.04 -10.41
N ASN A 13 -8.36 33.47 -11.58
CA ASN A 13 -8.99 32.59 -12.53
C ASN A 13 -7.98 31.68 -13.24
N GLU A 14 -6.77 32.21 -13.50
CA GLU A 14 -5.69 31.39 -14.05
C GLU A 14 -5.21 30.29 -13.11
N CYS A 15 -5.24 30.57 -11.80
CA CYS A 15 -4.94 29.58 -10.79
C CYS A 15 -5.94 28.44 -10.77
N GLU A 16 -7.21 28.75 -11.00
CA GLU A 16 -8.27 27.74 -11.09
C GLU A 16 -8.13 26.95 -12.38
N ARG A 17 -7.74 27.63 -13.45
CA ARG A 17 -7.52 27.00 -14.74
C ARG A 17 -6.24 26.16 -14.77
N PHE A 18 -5.24 26.55 -13.97
CA PHE A 18 -4.05 25.72 -13.86
C PHE A 18 -4.41 24.41 -13.17
N GLU A 19 -5.24 24.49 -12.13
CA GLU A 19 -5.63 23.32 -11.36
C GLU A 19 -6.37 22.29 -12.22
N SER A 20 -7.14 22.77 -13.18
CA SER A 20 -7.89 21.89 -14.06
C SER A 20 -6.96 21.16 -15.04
N PHE A 21 -6.03 21.93 -15.61
CA PHE A 21 -4.96 21.41 -16.46
C PHE A 21 -4.18 20.25 -15.81
N LEU A 22 -3.91 20.37 -14.54
CA LEU A 22 -3.17 19.38 -13.83
C LEU A 22 -4.01 18.12 -13.62
N LYS A 23 -5.28 18.31 -13.35
CA LYS A 23 -6.29 17.24 -13.25
C LYS A 23 -6.41 16.45 -14.57
N ASN A 24 -6.36 17.15 -15.70
CA ASN A 24 -6.52 16.54 -17.02
C ASN A 24 -5.22 16.15 -17.69
N HIS A 25 -4.11 16.28 -16.97
CA HIS A 25 -2.81 15.89 -17.48
C HIS A 25 -2.69 14.38 -17.38
N HIS A 26 -2.59 13.73 -18.54
CA HIS A 26 -2.47 12.29 -18.60
C HIS A 26 -1.21 11.94 -19.36
N LEU A 27 -0.46 10.98 -18.80
CA LEU A 27 0.66 10.41 -19.50
C LEU A 27 0.26 9.00 -19.87
N HIS A 28 0.34 8.69 -21.16
CA HIS A 28 0.01 7.36 -21.64
C HIS A 28 1.24 6.47 -21.52
N LEU A 29 1.12 5.40 -20.75
CA LEU A 29 2.22 4.46 -20.56
C LEU A 29 1.84 3.03 -20.99
N GLU A 30 2.37 2.62 -22.14
CA GLU A 30 2.14 1.29 -22.67
C GLU A 30 3.15 0.32 -22.05
N SER A 31 2.63 -0.61 -21.23
CA SER A 31 3.42 -1.70 -20.66
C SER A 31 2.53 -2.76 -20.03
N PHE A 32 3.16 -3.86 -19.63
CA PHE A 32 2.46 -4.93 -18.92
C PHE A 32 2.59 -4.78 -17.40
N HIS A 33 2.97 -3.58 -16.95
CA HIS A 33 2.96 -3.28 -15.52
C HIS A 33 1.54 -2.88 -15.12
N PRO A 34 0.98 -3.59 -14.11
CA PRO A 34 -0.41 -3.42 -13.67
C PRO A 34 -0.77 -2.00 -13.19
N TYR A 35 0.18 -1.30 -12.56
CA TYR A 35 -0.21 -0.05 -11.91
C TYR A 35 0.70 1.17 -12.02
N LEU A 36 1.81 1.05 -12.73
CA LEU A 36 2.80 2.13 -12.79
C LEU A 36 2.26 3.47 -13.38
N GLU A 37 1.40 3.36 -14.38
CA GLU A 37 0.83 4.53 -15.06
C GLU A 37 -0.12 5.35 -14.18
N LYS A 38 -0.95 4.67 -13.38
CA LYS A 38 -1.83 5.39 -12.46
C LYS A 38 -1.06 5.89 -11.24
N ALA A 39 -0.11 5.09 -10.78
CA ALA A 39 0.76 5.43 -9.65
C ALA A 39 1.69 6.63 -9.92
N PHE A 40 2.01 6.87 -11.20
CA PHE A 40 2.90 7.98 -11.60
C PHE A 40 2.44 9.36 -11.13
N PHE A 41 1.19 9.72 -11.45
CA PHE A 41 0.69 11.08 -11.18
C PHE A 41 -0.19 11.16 -9.94
N GLU A 42 -0.51 10.01 -9.36
CA GLU A 42 -1.43 9.90 -8.23
C GLU A 42 -1.18 10.89 -7.08
N MET A 43 0.08 11.00 -6.64
CA MET A 43 0.43 11.93 -5.56
C MET A 43 0.45 13.39 -6.01
N VAL A 44 0.52 13.63 -7.31
CA VAL A 44 0.40 15.01 -7.82
C VAL A 44 -1.08 15.40 -7.79
N LEU A 45 -1.94 14.47 -8.19
CA LEU A 45 -3.39 14.70 -8.20
C LEU A 45 -3.95 14.86 -6.80
N ASN A 46 -3.47 14.02 -5.89
CA ASN A 46 -3.98 13.96 -4.53
C ASN A 46 -3.34 14.97 -3.60
N GLY A 47 -2.35 15.72 -4.08
CA GLY A 47 -1.67 16.70 -3.22
C GLY A 47 -2.44 18.00 -3.16
N GLY A 48 -1.71 19.09 -3.00
CA GLY A 48 -2.15 20.34 -3.60
C GLY A 48 -2.88 21.48 -2.92
N LYS A 49 -2.11 22.39 -2.33
CA LYS A 49 -2.58 23.77 -2.19
C LYS A 49 -1.99 24.60 -3.34
N ARG A 50 -0.97 24.05 -4.01
CA ARG A 50 -0.36 24.61 -5.24
C ARG A 50 0.36 25.93 -5.00
N PHE A 51 0.97 26.09 -3.83
CA PHE A 51 1.61 27.34 -3.47
C PHE A 51 2.66 27.78 -4.48
N ARG A 52 3.49 26.84 -4.94
CA ARG A 52 4.58 27.17 -5.86
C ARG A 52 4.13 27.56 -7.27
N PRO A 53 3.24 26.74 -7.92
CA PRO A 53 2.69 27.26 -9.17
C PRO A 53 1.94 28.59 -9.04
N LYS A 54 1.21 28.78 -7.95
CA LYS A 54 0.57 30.09 -7.70
C LYS A 54 1.57 31.24 -7.63
N LEU A 55 2.74 31.01 -7.01
CA LEU A 55 3.79 32.03 -6.96
C LEU A 55 4.34 32.32 -8.35
N PHE A 56 4.53 31.27 -9.14
CA PHE A 56 4.99 31.35 -10.52
C PHE A 56 4.02 32.19 -11.34
N LEU A 57 2.75 31.83 -11.23
CA LEU A 57 1.69 32.52 -11.97
C LEU A 57 1.41 33.95 -11.47
N ALA A 58 1.66 34.22 -10.20
CA ALA A 58 1.54 35.57 -9.66
C ALA A 58 2.44 36.55 -10.38
N VAL A 59 3.69 36.15 -10.62
CA VAL A 59 4.70 36.98 -11.28
C VAL A 59 4.39 37.11 -12.76
N LEU A 60 4.04 35.99 -13.37
CA LEU A 60 3.83 35.92 -14.80
C LEU A 60 2.57 36.65 -15.31
N CYS A 61 1.43 36.37 -14.68
CA CYS A 61 0.16 37.04 -15.02
C CYS A 61 0.23 38.56 -14.87
N ALA A 62 0.98 39.00 -13.87
CA ALA A 62 1.23 40.42 -13.65
C ALA A 62 2.08 41.06 -14.74
N LEU A 63 3.06 40.33 -15.26
CA LEU A 63 4.09 40.92 -16.12
C LEU A 63 3.84 40.79 -17.62
N VAL A 64 3.07 39.78 -18.03
CA VAL A 64 2.66 39.68 -19.42
C VAL A 64 1.23 40.19 -19.57
N GLY A 65 0.95 40.89 -20.68
CA GLY A 65 -0.41 41.35 -21.00
C GLY A 65 -1.36 40.18 -21.15
N GLN A 66 -2.62 40.40 -20.77
CA GLN A 66 -3.65 39.34 -20.72
C GLN A 66 -3.86 38.55 -22.02
N LYS A 67 -3.71 39.21 -23.17
CA LYS A 67 -3.94 38.56 -24.45
C LYS A 67 -2.72 37.81 -24.99
N ASP A 68 -1.53 38.35 -24.75
CA ASP A 68 -0.27 37.71 -25.12
C ASP A 68 0.02 36.52 -24.19
N TYR A 69 -0.49 36.59 -22.97
CA TYR A 69 -0.50 35.47 -22.04
C TYR A 69 -1.25 34.27 -22.65
N SER A 70 -2.48 34.52 -23.10
CA SER A 70 -3.40 33.46 -23.56
C SER A 70 -2.94 32.72 -24.81
N ASN A 71 -2.07 33.36 -25.59
CA ASN A 71 -1.29 32.67 -26.64
C ASN A 71 -0.58 31.43 -26.11
N GLN A 72 0.14 31.61 -25.00
CA GLN A 72 1.06 30.59 -24.51
C GLN A 72 0.67 29.97 -23.17
N GLN A 73 -0.62 30.11 -22.83
CA GLN A 73 -1.16 29.67 -21.54
C GLN A 73 -0.81 28.23 -21.18
N THR A 74 -0.95 27.31 -22.13
CA THR A 74 -0.72 25.89 -21.84
C THR A 74 0.76 25.61 -21.62
N GLU A 75 1.61 26.39 -22.28
CA GLU A 75 3.04 26.33 -22.10
C GLU A 75 3.46 26.81 -20.71
N TYR A 76 2.82 27.88 -20.23
CA TYR A 76 3.03 28.40 -18.88
C TYR A 76 2.55 27.39 -17.81
N PHE A 77 1.47 26.69 -18.13
CA PHE A 77 0.95 25.68 -17.22
C PHE A 77 1.91 24.49 -17.14
N LYS A 78 2.49 24.08 -18.26
CA LYS A 78 3.54 23.06 -18.30
C LYS A 78 4.69 23.39 -17.35
N ILE A 79 5.24 24.60 -17.48
CA ILE A 79 6.27 25.12 -16.58
C ILE A 79 5.85 25.13 -15.10
N ALA A 80 4.65 25.62 -14.83
CA ALA A 80 4.09 25.62 -13.49
C ALA A 80 3.97 24.18 -12.95
N LEU A 81 3.58 23.26 -13.83
CA LEU A 81 3.43 21.84 -13.52
C LEU A 81 4.80 21.19 -13.24
N SER A 82 5.85 21.66 -13.90
CA SER A 82 7.19 21.09 -13.66
C SER A 82 7.65 21.39 -12.25
N ILE A 83 7.33 22.58 -11.75
CA ILE A 83 7.62 22.96 -10.37
C ILE A 83 6.82 22.09 -9.38
N GLU A 84 5.57 21.83 -9.71
CA GLU A 84 4.70 21.05 -8.83
C GLU A 84 5.19 19.60 -8.76
N CYS A 85 5.62 19.04 -9.89
CA CYS A 85 6.21 17.68 -9.93
C CYS A 85 7.47 17.51 -9.09
N LEU A 86 8.38 18.47 -9.18
CA LEU A 86 9.59 18.48 -8.34
C LEU A 86 9.24 18.54 -6.87
N HIS A 87 8.28 19.38 -6.50
CA HIS A 87 7.83 19.46 -5.13
C HIS A 87 7.22 18.12 -4.67
N THR A 88 6.43 17.49 -5.53
CA THR A 88 5.74 16.25 -5.20
C THR A 88 6.71 15.09 -5.02
N TYR A 89 7.73 15.03 -5.88
CA TYR A 89 8.72 13.94 -5.82
C TYR A 89 9.47 14.01 -4.49
N SER A 90 9.83 15.22 -4.06
CA SER A 90 10.47 15.37 -2.75
C SER A 90 9.59 14.82 -1.61
N LEU A 91 8.28 15.04 -1.70
CA LEU A 91 7.34 14.53 -0.69
C LEU A 91 7.22 13.01 -0.71
N ILE A 92 7.33 12.42 -1.89
CA ILE A 92 7.26 10.98 -2.07
C ILE A 92 8.45 10.34 -1.37
N HIS A 93 9.61 10.95 -1.55
CA HIS A 93 10.83 10.45 -0.92
C HIS A 93 10.90 10.76 0.56
N ASP A 94 10.42 11.93 0.96
CA ASP A 94 10.33 12.26 2.38
C ASP A 94 9.49 11.23 3.17
N ASP A 95 8.45 10.68 2.53
CA ASP A 95 7.48 9.80 3.19
C ASP A 95 7.96 8.37 3.40
N LEU A 96 9.05 8.01 2.75
CA LEU A 96 9.60 6.65 2.72
C LEU A 96 9.94 6.08 4.11
N PRO A 97 9.89 4.73 4.28
CA PRO A 97 10.18 4.13 5.59
C PRO A 97 11.55 4.49 6.17
N CYS A 98 12.56 4.66 5.31
CA CYS A 98 13.89 5.08 5.77
C CYS A 98 13.89 6.54 6.24
N MET A 99 12.93 7.33 5.76
CA MET A 99 12.78 8.73 6.18
C MET A 99 11.60 8.93 7.16
N ASP A 100 10.58 9.71 6.79
CA ASP A 100 9.47 9.98 7.72
C ASP A 100 8.52 8.81 8.01
N ASN A 101 8.59 7.76 7.19
CA ASN A 101 7.80 6.54 7.35
C ASN A 101 6.28 6.80 7.51
N ALA A 102 5.72 7.57 6.58
CA ALA A 102 4.31 7.96 6.63
C ALA A 102 3.44 7.11 5.69
N ALA A 103 2.44 6.43 6.26
CA ALA A 103 1.49 5.65 5.44
C ALA A 103 0.35 6.50 4.85
N LEU A 104 0.19 7.71 5.37
CA LEU A 104 -0.76 8.70 4.85
C LEU A 104 -0.11 10.06 4.53
N ARG A 105 -0.66 10.72 3.52
CA ARG A 105 -0.39 12.12 3.21
C ARG A 105 -1.73 12.71 2.81
N ARG A 106 -2.12 13.79 3.49
CA ARG A 106 -3.46 14.39 3.36
C ARG A 106 -4.59 13.34 3.48
N ASN A 107 -4.43 12.40 4.40
CA ASN A 107 -5.39 11.29 4.62
C ASN A 107 -5.62 10.35 3.40
N HIS A 108 -4.63 10.34 2.48
CA HIS A 108 -4.59 9.44 1.34
C HIS A 108 -3.41 8.51 1.55
N PRO A 109 -3.50 7.24 1.11
CA PRO A 109 -2.31 6.39 1.22
C PRO A 109 -1.13 6.92 0.41
N THR A 110 0.07 6.83 0.99
CA THR A 110 1.30 7.11 0.25
C THR A 110 1.66 5.90 -0.63
N LEU A 111 2.56 6.12 -1.59
CA LEU A 111 2.90 5.08 -2.56
C LEU A 111 3.47 3.76 -2.01
N HIS A 112 4.25 3.82 -0.94
CA HIS A 112 4.80 2.58 -0.38
C HIS A 112 3.78 1.81 0.45
N ALA A 113 2.79 2.53 0.98
CA ALA A 113 1.70 1.89 1.71
C ALA A 113 0.75 1.23 0.72
N LYS A 114 0.37 1.99 -0.31
CA LYS A 114 -0.59 1.51 -1.30
C LYS A 114 -0.02 0.44 -2.22
N TYR A 115 1.24 0.61 -2.59
CA TYR A 115 1.88 -0.33 -3.51
C TYR A 115 3.03 -1.06 -2.85
N ASP A 116 4.24 -0.53 -3.01
CA ASP A 116 5.44 -1.03 -2.32
C ASP A 116 6.50 0.05 -2.34
N GLU A 117 7.58 -0.17 -1.58
CA GLU A 117 8.67 0.79 -1.38
C GLU A 117 9.36 1.16 -2.70
N THR A 118 9.67 0.13 -3.49
CA THR A 118 10.35 0.25 -4.76
C THR A 118 9.62 1.19 -5.71
N THR A 119 8.33 0.93 -5.89
CA THR A 119 7.40 1.80 -6.65
C THR A 119 7.51 3.27 -6.25
N ALA A 120 7.47 3.55 -4.95
CA ALA A 120 7.65 4.91 -4.42
C ALA A 120 8.99 5.56 -4.78
N VAL A 121 10.10 4.87 -4.54
CA VAL A 121 11.41 5.40 -4.90
C VAL A 121 11.47 5.76 -6.38
N LEU A 122 11.03 4.81 -7.21
CA LEU A 122 11.08 4.93 -8.66
C LEU A 122 10.13 5.98 -9.21
N ILE A 123 8.94 6.07 -8.64
CA ILE A 123 8.02 7.15 -9.01
C ILE A 123 8.47 8.56 -8.59
N GLY A 124 9.05 8.70 -7.40
CA GLY A 124 9.74 9.96 -7.06
C GLY A 124 10.86 10.29 -8.06
N ASP A 125 11.63 9.28 -8.43
CA ASP A 125 12.70 9.42 -9.43
C ASP A 125 12.19 9.88 -10.78
N ALA A 126 11.09 9.28 -11.24
CA ALA A 126 10.44 9.67 -12.48
C ALA A 126 9.86 11.07 -12.45
N LEU A 127 9.24 11.42 -11.32
CA LEU A 127 8.71 12.79 -11.21
C LEU A 127 9.79 13.89 -11.19
N ASN A 128 10.94 13.56 -10.59
CA ASN A 128 12.14 14.39 -10.66
C ASN A 128 12.58 14.60 -12.10
N THR A 129 12.78 13.52 -12.87
CA THR A 129 13.14 13.60 -14.29
C THR A 129 12.06 14.23 -15.15
N TYR A 130 10.81 13.90 -14.82
CA TYR A 130 9.63 14.45 -15.55
C TYR A 130 9.50 15.97 -15.57
N SER A 131 9.90 16.64 -14.48
CA SER A 131 9.93 18.11 -14.38
C SER A 131 10.77 18.74 -15.48
N PHE A 132 11.84 18.06 -15.84
CA PHE A 132 12.74 18.54 -16.86
C PHE A 132 12.25 18.23 -18.26
N GLU A 133 11.53 17.13 -18.41
CA GLU A 133 10.85 16.79 -19.65
C GLU A 133 9.73 17.76 -19.95
N LEU A 134 8.92 18.07 -18.93
CA LEU A 134 7.85 19.07 -19.07
C LEU A 134 8.41 20.43 -19.49
N LEU A 135 9.45 20.86 -18.79
CA LEU A 135 10.07 22.18 -19.03
C LEU A 135 10.64 22.27 -20.45
N SER A 136 11.41 21.25 -20.84
CA SER A 136 12.05 21.19 -22.16
C SER A 136 11.07 21.05 -23.33
N ASN A 137 9.88 20.51 -23.06
CA ASN A 137 8.82 20.44 -24.08
C ASN A 137 7.83 21.63 -24.13
N ALA A 138 7.97 22.57 -23.21
CA ALA A 138 7.20 23.82 -23.25
C ALA A 138 7.68 24.71 -24.41
N LEU A 139 6.74 25.23 -25.18
CA LEU A 139 7.05 25.94 -26.43
C LEU A 139 7.29 27.44 -26.24
N LEU A 140 8.40 27.80 -25.60
CA LEU A 140 8.85 29.18 -25.55
C LEU A 140 10.21 29.23 -26.24
N GLU A 141 10.83 30.41 -26.29
CA GLU A 141 12.13 30.59 -26.96
C GLU A 141 13.16 29.75 -26.26
N SER A 142 14.03 29.13 -27.07
CA SER A 142 14.98 28.16 -26.56
C SER A 142 15.82 28.69 -25.40
N HIS A 143 16.26 29.93 -25.50
CA HIS A 143 17.08 30.53 -24.44
C HIS A 143 16.31 30.70 -23.13
N ILE A 144 14.99 30.89 -23.21
CA ILE A 144 14.17 30.99 -22.02
C ILE A 144 14.03 29.62 -21.34
N ILE A 145 13.81 28.56 -22.13
CA ILE A 145 13.72 27.19 -21.60
C ILE A 145 15.02 26.75 -20.91
N VAL A 146 16.16 27.13 -21.51
CA VAL A 146 17.46 26.81 -20.93
C VAL A 146 17.65 27.45 -19.55
N GLU A 147 17.41 28.77 -19.47
CA GLU A 147 17.40 29.48 -18.18
C GLU A 147 16.47 28.90 -17.10
N LEU A 148 15.28 28.46 -17.48
CA LEU A 148 14.30 27.94 -16.53
C LEU A 148 14.82 26.65 -15.94
N ILE A 149 15.38 25.80 -16.81
CA ILE A 149 16.04 24.56 -16.43
C ILE A 149 17.25 24.78 -15.52
N LYS A 150 18.12 25.74 -15.88
CA LYS A 150 19.25 26.16 -15.02
C LYS A 150 18.78 26.53 -13.62
N ILE A 151 17.69 27.30 -13.55
CA ILE A 151 17.13 27.73 -12.27
C ILE A 151 16.56 26.55 -11.44
N LEU A 152 15.68 25.76 -12.05
CA LEU A 152 15.01 24.66 -11.32
C LEU A 152 15.98 23.57 -10.86
N SER A 153 16.88 23.17 -11.75
CA SER A 153 17.95 22.23 -11.43
C SER A 153 18.91 22.69 -10.33
N ALA A 154 19.36 23.95 -10.38
CA ALA A 154 20.21 24.50 -9.30
C ALA A 154 19.54 24.52 -7.93
N ASN A 155 18.27 24.92 -7.91
CA ASN A 155 17.57 25.18 -6.68
C ASN A 155 16.86 23.95 -6.10
N GLY A 156 16.59 22.97 -6.97
CA GLY A 156 15.91 21.74 -6.55
C GLY A 156 16.92 20.65 -6.27
N GLY A 157 18.18 20.94 -6.58
CA GLY A 157 19.25 19.95 -6.55
C GLY A 157 20.03 19.90 -5.27
N ILE A 158 21.26 19.37 -5.38
CA ILE A 158 22.18 19.15 -4.25
C ILE A 158 22.61 20.42 -3.50
N LYS A 159 22.59 21.55 -4.19
CA LYS A 159 22.95 22.84 -3.63
C LYS A 159 21.77 23.57 -3.03
N GLY A 160 20.56 23.05 -3.25
CA GLY A 160 19.34 23.63 -2.70
C GLY A 160 18.48 22.61 -1.91
N MET A 161 17.36 22.22 -2.51
CA MET A 161 16.30 21.48 -1.82
C MET A 161 16.77 20.16 -1.22
N ILE A 162 17.60 19.43 -1.95
CA ILE A 162 18.15 18.14 -1.51
C ILE A 162 19.10 18.29 -0.30
N LEU A 163 20.04 19.24 -0.37
CA LEU A 163 20.86 19.57 0.81
C LEU A 163 20.00 19.81 2.05
N GLY A 164 18.98 20.65 1.91
CA GLY A 164 18.09 20.93 3.02
C GLY A 164 17.34 19.70 3.53
N GLN A 165 16.91 18.85 2.60
CA GLN A 165 16.24 17.59 2.92
C GLN A 165 17.16 16.62 3.64
N ALA A 166 18.42 16.58 3.21
CA ALA A 166 19.43 15.72 3.83
C ALA A 166 19.74 16.13 5.27
N LEU A 167 19.91 17.43 5.49
CA LEU A 167 20.05 17.96 6.85
C LEU A 167 18.83 17.66 7.72
N ASP A 168 17.64 17.87 7.19
CA ASP A 168 16.42 17.66 7.96
C ASP A 168 16.26 16.22 8.44
N CYS A 169 16.58 15.26 7.57
CA CYS A 169 16.52 13.83 7.91
C CYS A 169 17.64 13.44 8.85
N TYR A 170 18.83 13.95 8.58
CA TYR A 170 20.01 13.55 9.34
C TYR A 170 19.93 14.02 10.79
N PHE A 171 19.47 15.26 10.98
CA PHE A 171 19.41 15.85 12.30
C PHE A 171 18.02 15.84 12.91
N GLU A 172 17.25 14.80 12.59
CA GLU A 172 15.87 14.67 13.03
C GLU A 172 15.66 14.87 14.55
N ASN A 173 16.46 14.19 15.35
CA ASN A 173 16.30 14.26 16.81
C ASN A 173 17.39 15.10 17.49
N THR A 174 17.88 16.13 16.81
CA THR A 174 19.05 16.88 17.25
C THR A 174 18.77 18.38 17.22
N PRO A 175 18.97 19.07 18.37
CA PRO A 175 18.79 20.50 18.41
C PRO A 175 19.84 21.19 17.53
N LEU A 176 19.39 22.15 16.74
CA LEU A 176 20.26 22.94 15.87
C LEU A 176 20.32 24.36 16.41
N ASN A 177 21.45 25.06 16.21
CA ASN A 177 21.49 26.47 16.54
C ASN A 177 20.71 27.28 15.51
N LEU A 178 20.54 28.56 15.77
CA LEU A 178 19.88 29.51 14.86
C LEU A 178 20.44 29.53 13.45
N GLU A 179 21.76 29.60 13.33
CA GLU A 179 22.39 29.70 12.02
C GLU A 179 22.14 28.43 11.20
N GLN A 180 22.22 27.28 11.87
CA GLN A 180 22.12 26.05 11.13
C GLN A 180 20.66 25.72 10.80
N LEU A 181 19.75 26.10 11.69
CA LEU A 181 18.31 25.97 11.45
C LEU A 181 17.77 26.88 10.34
N THR A 182 18.31 28.09 10.25
CA THR A 182 17.96 29.01 9.16
C THR A 182 18.50 28.47 7.84
N PHE A 183 19.69 27.89 7.89
CA PHE A 183 20.32 27.27 6.72
C PHE A 183 19.53 26.05 6.25
N LEU A 184 19.10 25.20 7.18
CA LEU A 184 18.33 24.04 6.80
C LEU A 184 17.08 24.50 6.06
N HIS A 185 16.35 25.45 6.62
CA HIS A 185 15.08 25.85 6.04
C HIS A 185 15.19 26.73 4.80
N GLU A 186 16.27 27.52 4.70
CA GLU A 186 16.55 28.29 3.48
C GLU A 186 16.62 27.28 2.33
N HIS A 187 17.30 26.15 2.58
CA HIS A 187 17.55 25.14 1.55
C HIS A 187 16.37 24.16 1.33
N LYS A 188 15.81 23.61 2.40
CA LYS A 188 14.68 22.66 2.27
C LYS A 188 13.49 23.33 1.58
N THR A 189 13.15 24.53 2.03
CA THR A 189 11.91 25.20 1.65
C THR A 189 12.09 26.44 0.73
N ALA A 190 12.94 27.37 1.14
CA ALA A 190 12.92 28.72 0.55
C ALA A 190 13.47 28.81 -0.85
N LYS A 191 14.41 27.92 -1.18
CA LYS A 191 15.09 27.88 -2.48
C LYS A 191 14.15 27.65 -3.66
N LEU A 192 13.28 26.64 -3.53
CA LEU A 192 12.25 26.32 -4.53
C LEU A 192 11.14 27.37 -4.65
N ILE A 193 10.84 28.01 -3.54
CA ILE A 193 9.87 29.13 -3.48
C ILE A 193 10.47 30.37 -4.21
N SER A 194 11.76 30.65 -3.99
CA SER A 194 12.38 31.79 -4.69
C SER A 194 12.60 31.45 -6.17
N ALA A 195 12.87 30.18 -6.47
CA ALA A 195 12.95 29.69 -7.86
C ALA A 195 11.65 29.88 -8.62
N SER A 196 10.54 29.38 -8.05
CA SER A 196 9.17 29.67 -8.55
C SER A 196 8.96 31.16 -8.95
N LEU A 197 9.33 32.08 -8.06
CA LEU A 197 9.19 33.50 -8.34
C LEU A 197 10.02 33.98 -9.52
N ILE A 198 11.32 33.70 -9.53
CA ILE A 198 12.22 34.12 -10.64
C ILE A 198 12.01 33.36 -11.97
N MET A 199 11.46 32.15 -11.87
CA MET A 199 11.05 31.38 -13.05
C MET A 199 9.84 32.06 -13.68
N GLY A 200 9.03 32.74 -12.85
CA GLY A 200 7.99 33.66 -13.36
C GLY A 200 8.53 34.84 -14.19
N LEU A 201 9.62 35.46 -13.72
CA LEU A 201 10.23 36.59 -14.47
C LEU A 201 10.84 36.13 -15.80
N VAL A 202 11.72 35.14 -15.72
CA VAL A 202 12.33 34.50 -16.87
C VAL A 202 11.31 34.07 -17.94
N ALA A 203 10.28 33.33 -17.53
CA ALA A 203 9.22 32.88 -18.44
C ALA A 203 8.42 34.01 -19.11
N SER A 204 8.29 35.16 -18.45
CA SER A 204 7.59 36.31 -19.01
C SER A 204 8.33 36.97 -20.18
N GLY A 205 9.63 36.74 -20.28
CA GLY A 205 10.44 37.28 -21.37
C GLY A 205 11.05 38.65 -21.14
N ILE A 206 10.58 39.37 -20.13
CA ILE A 206 11.12 40.71 -19.85
C ILE A 206 12.48 40.59 -19.16
N LYS A 207 13.39 41.51 -19.49
CA LYS A 207 14.72 41.49 -18.92
C LYS A 207 14.92 42.69 -17.99
N ASP A 208 14.92 42.40 -16.70
CA ASP A 208 15.21 43.38 -15.66
C ASP A 208 16.04 42.74 -14.56
N GLU A 209 17.33 43.07 -14.57
CA GLU A 209 18.34 42.48 -13.70
C GLU A 209 18.09 42.79 -12.22
N GLU A 210 17.58 44.01 -11.97
CA GLU A 210 17.28 44.49 -10.63
C GLU A 210 16.09 43.76 -10.02
N LEU A 211 15.07 43.48 -10.84
CA LEU A 211 13.86 42.80 -10.39
C LEU A 211 14.17 41.34 -10.09
N PHE A 212 15.04 40.75 -10.91
CA PHE A 212 15.56 39.41 -10.69
C PHE A 212 16.16 39.30 -9.30
N LYS A 213 17.13 40.16 -9.02
CA LYS A 213 17.83 40.16 -7.73
C LYS A 213 16.84 40.33 -6.59
N TRP A 214 15.90 41.26 -6.81
CA TRP A 214 14.87 41.55 -5.84
C TRP A 214 13.96 40.34 -5.59
N LEU A 215 13.46 39.70 -6.64
CA LEU A 215 12.56 38.53 -6.47
C LEU A 215 13.26 37.36 -5.81
N GLN A 216 14.51 37.14 -6.22
CA GLN A 216 15.38 36.13 -5.64
C GLN A 216 15.44 36.27 -4.14
N ALA A 217 15.81 37.45 -3.66
CA ALA A 217 15.91 37.73 -2.24
C ALA A 217 14.55 37.70 -1.53
N PHE A 218 13.52 38.19 -2.20
CA PHE A 218 12.18 38.26 -1.63
C PHE A 218 11.67 36.86 -1.30
N GLY A 219 11.82 35.95 -2.26
CA GLY A 219 11.40 34.56 -2.13
C GLY A 219 12.10 33.82 -1.02
N LEU A 220 13.40 34.06 -0.87
CA LEU A 220 14.16 33.50 0.24
C LEU A 220 13.60 33.95 1.59
N LYS A 221 13.28 35.24 1.69
CA LYS A 221 12.76 35.83 2.92
C LYS A 221 11.35 35.34 3.20
N MET A 222 10.54 35.27 2.16
CA MET A 222 9.17 34.81 2.29
C MET A 222 9.07 33.30 2.58
N GLY A 223 10.01 32.53 2.03
CA GLY A 223 10.08 31.10 2.25
C GLY A 223 10.44 30.76 3.68
N LEU A 224 11.33 31.56 4.25
CA LEU A 224 11.63 31.47 5.68
C LEU A 224 10.38 31.75 6.49
N CYS A 225 9.72 32.87 6.17
CA CYS A 225 8.47 33.25 6.78
C CYS A 225 7.40 32.14 6.65
N PHE A 226 7.21 31.66 5.42
CA PHE A 226 6.38 30.50 5.10
C PHE A 226 6.69 29.31 6.03
N GLN A 227 7.98 29.05 6.27
CA GLN A 227 8.41 27.91 7.08
C GLN A 227 8.19 28.09 8.59
N VAL A 228 8.50 29.28 9.09
CA VAL A 228 8.26 29.63 10.49
C VAL A 228 6.76 29.50 10.81
N LEU A 229 5.92 30.03 9.92
CA LEU A 229 4.47 29.84 10.06
C LEU A 229 4.06 28.37 10.03
N ASP A 230 4.68 27.59 9.14
CA ASP A 230 4.41 26.16 9.05
C ASP A 230 4.78 25.44 10.35
N ASP A 231 5.93 25.80 10.92
CA ASP A 231 6.37 25.29 12.22
C ASP A 231 5.38 25.57 13.36
N ILE A 232 4.73 26.74 13.31
CA ILE A 232 3.77 27.14 14.33
C ILE A 232 2.43 26.38 14.18
N ILE A 233 2.04 26.09 12.94
CA ILE A 233 0.82 25.33 12.66
C ILE A 233 0.92 23.85 13.15
N ASP A 234 2.11 23.28 13.12
CA ASP A 234 2.36 21.91 13.59
C ASP A 234 2.09 21.69 15.09
N VAL A 235 2.27 22.74 15.90
CA VAL A 235 2.11 22.64 17.35
C VAL A 235 0.66 22.88 17.77
N THR A 236 -0.01 23.80 17.08
CA THR A 236 -1.39 24.18 17.37
C THR A 236 -2.37 23.03 17.07
N GLN A 237 -2.05 22.23 16.05
CA GLN A 237 -2.88 21.11 15.63
C GLN A 237 -2.25 19.77 16.01
N ALA A 251 9.80 17.87 18.51
CA ALA A 251 10.42 16.67 17.96
C ALA A 251 11.19 16.95 16.66
N LYS A 252 10.63 17.81 15.82
CA LYS A 252 11.21 18.18 14.52
C LYS A 252 12.25 19.30 14.65
N ASN A 253 12.97 19.61 13.57
CA ASN A 253 13.86 20.76 13.50
C ASN A 253 13.06 22.02 13.23
N SER A 254 12.56 22.65 14.27
CA SER A 254 11.64 23.75 14.08
C SER A 254 11.96 24.96 14.95
N PHE A 255 11.46 26.12 14.55
CA PHE A 255 11.67 27.35 15.29
C PHE A 255 10.91 27.41 16.61
N VAL A 256 9.84 26.63 16.72
CA VAL A 256 9.15 26.50 18.00
C VAL A 256 10.03 25.78 19.04
N ASN A 257 10.84 24.83 18.59
CA ASN A 257 11.77 24.15 19.50
C ASN A 257 12.95 25.03 19.88
N LEU A 258 13.51 25.72 18.90
CA LEU A 258 14.64 26.62 19.15
C LEU A 258 14.21 27.82 20.00
N LEU A 259 13.10 28.46 19.63
CA LEU A 259 12.73 29.74 20.23
C LEU A 259 11.65 29.66 21.31
N GLY A 260 10.84 28.59 21.31
CA GLY A 260 9.64 28.52 22.15
C GLY A 260 8.48 29.08 21.36
N LEU A 261 7.26 28.67 21.69
CA LEU A 261 6.07 29.02 20.90
C LEU A 261 5.76 30.52 20.83
N GLU A 262 5.95 31.20 21.95
CA GLU A 262 5.68 32.64 22.08
C GLU A 262 6.64 33.45 21.19
N ARG A 263 7.94 33.18 21.35
CA ARG A 263 8.99 33.85 20.58
C ARG A 263 8.97 33.49 19.11
N ALA A 264 8.58 32.25 18.78
CA ALA A 264 8.39 31.86 17.37
C ALA A 264 7.24 32.63 16.74
N ASN A 265 6.16 32.78 17.51
CA ASN A 265 5.02 33.59 17.06
C ASN A 265 5.41 35.04 16.80
N ASN A 266 6.19 35.63 17.69
CA ASN A 266 6.65 37.01 17.51
C ASN A 266 7.57 37.21 16.33
N TYR A 267 8.49 36.27 16.14
CA TYR A 267 9.38 36.23 14.97
C TYR A 267 8.61 36.22 13.66
N ALA A 268 7.61 35.33 13.57
CA ALA A 268 6.73 35.30 12.40
C ALA A 268 6.15 36.70 12.13
N GLN A 269 5.60 37.32 13.18
CA GLN A 269 5.04 38.67 13.07
C GLN A 269 6.03 39.75 12.61
N THR A 270 7.26 39.73 13.11
CA THR A 270 8.24 40.72 12.64
C THR A 270 8.73 40.44 11.22
N LEU A 271 8.86 39.16 10.86
CA LEU A 271 9.19 38.78 9.48
C LEU A 271 8.09 39.17 8.50
N LYS A 272 6.85 38.84 8.87
CA LYS A 272 5.62 39.24 8.15
C LYS A 272 5.71 40.68 7.72
N THR A 273 5.93 41.53 8.72
CA THR A 273 6.00 42.98 8.58
C THR A 273 7.10 43.33 7.60
N GLU A 274 8.29 42.79 7.86
CA GLU A 274 9.47 43.01 7.05
C GLU A 274 9.26 42.63 5.58
N VAL A 275 8.63 41.47 5.38
CA VAL A 275 8.28 40.94 4.06
C VAL A 275 7.32 41.89 3.36
N LEU A 276 6.20 42.20 4.00
CA LEU A 276 5.18 43.13 3.47
C LEU A 276 5.72 44.55 3.20
N ASN A 277 6.62 45.02 4.05
CA ASN A 277 7.21 46.34 3.90
C ASN A 277 8.21 46.42 2.74
N ASP A 278 8.97 45.36 2.54
CA ASP A 278 9.92 45.24 1.43
C ASP A 278 9.16 45.12 0.12
N LEU A 279 8.00 44.49 0.22
CA LEU A 279 7.08 44.31 -0.90
C LEU A 279 6.41 45.62 -1.32
N ASP A 280 6.13 46.50 -0.34
CA ASP A 280 5.49 47.79 -0.64
C ASP A 280 6.45 48.84 -1.21
N ALA A 281 7.70 48.44 -1.44
CA ALA A 281 8.66 49.24 -2.20
C ALA A 281 8.69 48.80 -3.67
N LEU A 282 7.76 47.91 -4.02
CA LEU A 282 7.62 47.44 -5.40
C LEU A 282 6.47 48.19 -6.08
N LYS A 283 5.60 48.80 -5.26
CA LYS A 283 4.48 49.66 -5.71
C LYS A 283 4.75 50.72 -6.80
N PRO A 284 5.84 51.52 -6.69
CA PRO A 284 6.08 52.50 -7.77
C PRO A 284 6.33 51.93 -9.16
N ALA A 285 7.31 51.04 -9.29
CA ALA A 285 7.72 50.50 -10.61
C ALA A 285 6.93 49.27 -11.07
N TYR A 286 6.34 48.52 -10.14
CA TYR A 286 5.63 47.28 -10.49
C TYR A 286 4.30 47.06 -9.76
N PRO A 287 3.28 47.93 -10.01
CA PRO A 287 2.00 47.84 -9.29
C PRO A 287 1.21 46.53 -9.43
N LEU A 288 1.12 45.98 -10.64
CA LEU A 288 0.36 44.75 -10.88
C LEU A 288 1.03 43.54 -10.22
N LEU A 289 2.36 43.52 -10.25
CA LEU A 289 3.16 42.52 -9.56
C LEU A 289 3.00 42.61 -8.06
N GLN A 290 3.09 43.84 -7.55
CA GLN A 290 2.91 44.09 -6.13
C GLN A 290 1.53 43.61 -5.67
N GLU A 291 0.53 43.82 -6.52
CA GLU A 291 -0.86 43.52 -6.20
C GLU A 291 -1.08 42.01 -6.10
N ASN A 292 -0.57 41.26 -7.09
CA ASN A 292 -0.67 39.80 -7.09
C ASN A 292 0.08 39.15 -5.92
N LEU A 293 1.32 39.60 -5.70
CA LEU A 293 2.11 39.09 -4.60
C LEU A 293 1.50 39.41 -3.23
N ASN A 294 1.07 40.66 -3.05
CA ASN A 294 0.42 41.11 -1.83
C ASN A 294 -0.80 40.26 -1.49
N ALA A 295 -1.62 39.97 -2.50
CA ALA A 295 -2.85 39.20 -2.32
C ALA A 295 -2.56 37.77 -1.89
N LEU A 296 -1.58 37.16 -2.54
CA LEU A 296 -1.19 35.78 -2.27
C LEU A 296 -0.68 35.63 -0.84
N LEU A 297 0.18 36.56 -0.43
CA LEU A 297 0.77 36.55 0.91
C LEU A 297 -0.25 36.78 2.02
N ASN A 298 -1.23 37.66 1.77
CA ASN A 298 -2.27 37.93 2.77
C ASN A 298 -3.15 36.70 2.99
N THR A 299 -3.37 35.93 1.93
CA THR A 299 -4.06 34.65 2.04
C THR A 299 -3.23 33.68 2.89
N LEU A 300 -1.92 33.65 2.64
CA LEU A 300 -1.00 32.77 3.36
C LEU A 300 -0.90 33.08 4.85
N PHE A 301 -0.87 34.37 5.18
CA PHE A 301 -0.78 34.80 6.58
C PHE A 301 -2.12 34.66 7.32
N LYS A 302 -3.23 34.54 6.58
CA LYS A 302 -4.54 34.33 7.18
C LYS A 302 -4.96 32.86 7.13
N SER B 2 45.21 -2.70 -36.23
CA SER B 2 45.04 -1.64 -35.17
C SER B 2 46.01 -0.47 -35.36
N LEU B 3 46.30 -0.14 -36.62
CA LEU B 3 47.01 1.08 -36.98
C LEU B 3 46.01 2.21 -37.12
N SER B 4 45.90 3.01 -36.06
CA SER B 4 44.84 3.99 -35.92
C SER B 4 44.98 5.16 -36.86
N SER B 5 43.89 5.41 -37.58
CA SER B 5 43.75 6.57 -38.44
C SER B 5 43.84 7.86 -37.62
N PRO B 6 44.05 9.02 -38.29
CA PRO B 6 43.95 10.28 -37.56
C PRO B 6 42.66 10.41 -36.74
N ASN B 7 41.55 9.97 -37.33
CA ASN B 7 40.24 10.10 -36.72
C ASN B 7 40.05 9.19 -35.49
N LEU B 8 40.39 7.92 -35.64
CA LEU B 8 40.26 6.94 -34.56
C LEU B 8 41.19 7.26 -33.41
N SER B 9 42.38 7.77 -33.74
CA SER B 9 43.37 8.15 -32.75
C SER B 9 42.97 9.41 -31.98
N PHE B 10 42.30 10.34 -32.66
CA PHE B 10 41.76 11.53 -32.03
C PHE B 10 40.68 11.13 -31.03
N TYR B 11 39.73 10.31 -31.47
CA TYR B 11 38.67 9.81 -30.61
C TYR B 11 39.17 9.12 -29.34
N TYR B 12 40.15 8.23 -29.48
CA TYR B 12 40.71 7.49 -28.32
C TYR B 12 41.32 8.43 -27.29
N ASN B 13 41.93 9.49 -27.81
CA ASN B 13 42.58 10.48 -27.01
C ASN B 13 41.54 11.36 -26.32
N GLU B 14 40.41 11.57 -26.96
CA GLU B 14 39.34 12.34 -26.34
C GLU B 14 38.65 11.57 -25.20
N CYS B 15 38.55 10.25 -25.34
CA CYS B 15 38.04 9.40 -24.26
C CYS B 15 38.92 9.46 -23.02
N GLU B 16 40.24 9.47 -23.24
CA GLU B 16 41.25 9.62 -22.19
C GLU B 16 41.04 10.93 -21.46
N ARG B 17 40.80 11.98 -22.24
CA ARG B 17 40.62 13.32 -21.72
C ARG B 17 39.25 13.55 -21.03
N PHE B 18 38.20 12.85 -21.47
CA PHE B 18 36.93 12.88 -20.75
C PHE B 18 37.13 12.35 -19.35
N GLU B 19 37.91 11.27 -19.21
CA GLU B 19 38.09 10.63 -17.92
C GLU B 19 38.89 11.52 -16.96
N SER B 20 39.77 12.35 -17.50
CA SER B 20 40.47 13.35 -16.68
C SER B 20 39.54 14.46 -16.25
N PHE B 21 38.76 14.99 -17.19
CA PHE B 21 37.72 15.97 -16.91
C PHE B 21 36.78 15.47 -15.79
N LEU B 22 36.29 14.24 -15.90
CA LEU B 22 35.45 13.66 -14.86
C LEU B 22 36.17 13.65 -13.50
N LYS B 23 37.37 13.10 -13.51
CA LYS B 23 38.22 12.98 -12.30
C LYS B 23 38.47 14.30 -11.56
N ASN B 24 38.57 15.37 -12.32
CA ASN B 24 38.85 16.69 -11.78
C ASN B 24 37.61 17.55 -11.65
N HIS B 25 36.44 16.99 -11.96
CA HIS B 25 35.20 17.71 -11.76
C HIS B 25 34.87 17.77 -10.27
N HIS B 26 34.63 18.97 -9.77
CA HIS B 26 34.27 19.12 -8.36
C HIS B 26 33.18 20.14 -8.16
N LEU B 27 32.33 19.85 -7.19
CA LEU B 27 31.26 20.74 -6.82
C LEU B 27 31.40 21.09 -5.33
N HIS B 28 31.49 22.38 -5.04
CA HIS B 28 31.60 22.88 -3.68
C HIS B 28 30.25 22.72 -2.97
N LEU B 29 30.29 22.18 -1.75
CA LEU B 29 29.05 21.72 -1.10
C LEU B 29 29.12 21.85 0.43
N GLU B 30 29.49 23.03 0.89
CA GLU B 30 29.70 23.30 2.30
C GLU B 30 28.40 23.29 3.08
N SER B 31 28.31 22.38 4.05
CA SER B 31 27.24 22.36 5.05
C SER B 31 27.76 21.64 6.29
N PHE B 32 26.89 21.57 7.31
CA PHE B 32 27.20 20.91 8.58
C PHE B 32 26.78 19.43 8.61
N HIS B 33 26.30 18.90 7.49
CA HIS B 33 26.15 17.45 7.34
C HIS B 33 27.55 16.87 7.41
N PRO B 34 27.73 15.81 8.19
CA PRO B 34 29.08 15.23 8.33
C PRO B 34 29.69 14.59 7.08
N TYR B 35 28.88 14.17 6.09
CA TYR B 35 29.49 13.46 4.96
C TYR B 35 28.80 13.59 3.59
N LEU B 36 27.84 14.49 3.47
CA LEU B 36 27.09 14.59 2.24
C LEU B 36 27.93 15.07 1.07
N GLU B 37 28.84 16.02 1.33
CA GLU B 37 29.74 16.54 0.28
C GLU B 37 30.68 15.48 -0.28
N LYS B 38 31.25 14.65 0.60
CA LYS B 38 32.13 13.54 0.20
C LYS B 38 31.38 12.56 -0.67
N ALA B 39 30.17 12.22 -0.24
CA ALA B 39 29.39 11.14 -0.85
C ALA B 39 28.75 11.49 -2.20
N PHE B 40 28.57 12.78 -2.49
CA PHE B 40 27.89 13.20 -3.72
C PHE B 40 28.47 12.61 -5.03
N PHE B 41 29.75 12.87 -5.29
CA PHE B 41 30.36 12.48 -6.58
C PHE B 41 31.13 11.16 -6.52
N GLU B 42 31.16 10.55 -5.34
CA GLU B 42 31.93 9.35 -5.06
C GLU B 42 31.71 8.18 -6.01
N MET B 43 30.46 7.85 -6.31
CA MET B 43 30.14 6.71 -7.18
C MET B 43 30.33 7.04 -8.69
N VAL B 44 30.32 8.32 -9.03
CA VAL B 44 30.73 8.72 -10.39
C VAL B 44 32.22 8.45 -10.54
N LEU B 45 33.01 9.01 -9.61
CA LEU B 45 34.45 8.77 -9.50
C LEU B 45 34.86 7.28 -9.46
N ASN B 46 34.18 6.48 -8.66
CA ASN B 46 34.46 5.05 -8.58
C ASN B 46 33.56 4.20 -9.47
N GLY B 47 33.15 4.77 -10.61
CA GLY B 47 32.26 4.09 -11.56
C GLY B 47 33.01 3.18 -12.53
N GLY B 48 32.29 2.64 -13.52
CA GLY B 48 32.86 1.67 -14.45
C GLY B 48 33.55 2.21 -15.69
N LYS B 49 33.14 1.66 -16.83
CA LYS B 49 33.87 1.77 -18.09
C LYS B 49 33.54 2.96 -18.99
N ARG B 50 32.58 3.80 -18.59
CA ARG B 50 32.21 5.03 -19.32
C ARG B 50 31.68 4.69 -20.71
N PHE B 51 30.98 3.56 -20.81
CA PHE B 51 30.46 3.08 -22.08
C PHE B 51 29.59 4.15 -22.76
N ARG B 52 28.65 4.73 -21.99
CA ARG B 52 27.75 5.73 -22.53
C ARG B 52 28.39 7.08 -23.01
N PRO B 53 29.27 7.72 -22.20
CA PRO B 53 30.12 8.82 -22.71
C PRO B 53 30.93 8.48 -23.94
N LYS B 54 31.53 7.29 -23.95
CA LYS B 54 32.28 6.78 -25.12
C LYS B 54 31.43 6.63 -26.40
N LEU B 55 30.20 6.14 -26.26
CA LEU B 55 29.26 6.09 -27.40
C LEU B 55 28.93 7.49 -27.89
N PHE B 56 28.76 8.41 -26.95
CA PHE B 56 28.39 9.77 -27.25
C PHE B 56 29.53 10.46 -28.03
N LEU B 57 30.76 10.29 -27.55
CA LEU B 57 31.93 10.91 -28.15
C LEU B 57 32.30 10.26 -29.48
N ALA B 58 31.97 8.97 -29.66
CA ALA B 58 32.23 8.26 -30.94
C ALA B 58 31.53 9.00 -32.07
N VAL B 59 30.25 9.27 -31.84
CA VAL B 59 29.38 9.95 -32.79
C VAL B 59 29.86 11.36 -33.04
N LEU B 60 30.11 12.08 -31.95
CA LEU B 60 30.46 13.48 -32.00
C LEU B 60 31.81 13.77 -32.62
N CYS B 61 32.83 12.99 -32.23
CA CYS B 61 34.19 13.11 -32.79
C CYS B 61 34.30 12.76 -34.27
N ALA B 62 33.49 11.79 -34.71
CA ALA B 62 33.36 11.44 -36.11
C ALA B 62 32.74 12.57 -36.95
N LEU B 63 31.67 13.17 -36.43
CA LEU B 63 30.84 14.07 -37.21
C LEU B 63 31.30 15.54 -37.18
N VAL B 64 32.01 15.93 -36.14
CA VAL B 64 32.51 17.28 -36.01
C VAL B 64 33.99 17.32 -36.43
N GLY B 65 34.35 18.34 -37.20
CA GLY B 65 35.75 18.62 -37.51
C GLY B 65 36.59 18.81 -36.25
N GLN B 66 37.83 18.31 -36.28
CA GLN B 66 38.69 18.21 -35.11
C GLN B 66 39.00 19.54 -34.42
N LYS B 67 39.15 20.62 -35.20
CA LYS B 67 39.41 21.93 -34.64
C LYS B 67 38.13 22.67 -34.22
N ASP B 68 37.00 22.34 -34.86
CA ASP B 68 35.70 22.83 -34.44
C ASP B 68 35.31 22.24 -33.09
N TYR B 69 35.60 20.96 -32.92
CA TYR B 69 35.36 20.23 -31.68
C TYR B 69 36.19 20.80 -30.53
N SER B 70 37.44 21.17 -30.82
CA SER B 70 38.39 21.66 -29.81
C SER B 70 37.99 22.97 -29.14
N ASN B 71 37.20 23.78 -29.84
CA ASN B 71 36.70 25.01 -29.27
C ASN B 71 35.69 24.76 -28.17
N GLN B 72 34.89 23.72 -28.34
CA GLN B 72 33.79 23.44 -27.43
C GLN B 72 33.95 22.14 -26.64
N GLN B 73 35.20 21.68 -26.50
CA GLN B 73 35.51 20.39 -25.87
C GLN B 73 34.94 20.24 -24.45
N THR B 74 35.08 21.31 -23.67
CA THR B 74 34.59 21.38 -22.30
C THR B 74 33.07 21.24 -22.28
N GLU B 75 32.42 21.91 -23.22
CA GLU B 75 30.97 21.88 -23.34
C GLU B 75 30.49 20.48 -23.71
N TYR B 76 31.18 19.84 -24.67
CA TYR B 76 30.89 18.45 -25.03
C TYR B 76 31.15 17.46 -23.89
N PHE B 77 32.18 17.75 -23.10
CA PHE B 77 32.48 16.95 -21.92
C PHE B 77 31.41 17.03 -20.82
N LYS B 78 30.80 18.20 -20.60
CA LYS B 78 29.69 18.25 -19.62
C LYS B 78 28.43 17.49 -20.07
N ILE B 79 28.15 17.54 -21.37
CA ILE B 79 27.07 16.72 -21.93
C ILE B 79 27.32 15.23 -21.68
N ALA B 80 28.54 14.79 -21.95
CA ALA B 80 28.97 13.42 -21.72
C ALA B 80 28.88 13.05 -20.24
N LEU B 81 29.30 13.97 -19.37
CA LEU B 81 29.20 13.77 -17.91
C LEU B 81 27.77 13.66 -17.42
N SER B 82 26.90 14.50 -17.99
CA SER B 82 25.50 14.49 -17.63
C SER B 82 24.86 13.10 -17.85
N ILE B 83 25.27 12.41 -18.92
CA ILE B 83 24.82 11.05 -19.21
C ILE B 83 25.34 10.06 -18.16
N GLU B 84 26.57 10.26 -17.74
CA GLU B 84 27.20 9.38 -16.76
C GLU B 84 26.61 9.51 -15.36
N CYS B 85 26.24 10.74 -14.99
CA CYS B 85 25.54 11.03 -13.72
C CYS B 85 24.18 10.35 -13.66
N LEU B 86 23.41 10.42 -14.74
CA LEU B 86 22.09 9.79 -14.80
C LEU B 86 22.21 8.28 -14.70
N HIS B 87 23.14 7.73 -15.48
CA HIS B 87 23.50 6.32 -15.36
C HIS B 87 23.87 5.89 -13.91
N THR B 88 24.79 6.63 -13.31
CA THR B 88 25.27 6.44 -11.95
C THR B 88 24.15 6.53 -10.91
N TYR B 89 23.25 7.53 -11.03
CA TYR B 89 22.10 7.64 -10.11
C TYR B 89 21.29 6.35 -10.12
N SER B 90 21.11 5.78 -11.32
CA SER B 90 20.22 4.64 -11.50
C SER B 90 20.77 3.42 -10.76
N LEU B 91 22.09 3.25 -10.80
CA LEU B 91 22.81 2.21 -10.08
C LEU B 91 22.75 2.37 -8.58
N ILE B 92 22.94 3.59 -8.09
CA ILE B 92 22.82 3.86 -6.66
C ILE B 92 21.44 3.41 -6.18
N HIS B 93 20.42 3.85 -6.91
CA HIS B 93 19.07 3.48 -6.61
C HIS B 93 18.79 1.97 -6.76
N ASP B 94 19.36 1.35 -7.81
CA ASP B 94 19.34 -0.11 -7.97
C ASP B 94 19.95 -0.90 -6.80
N ASP B 95 21.01 -0.37 -6.22
CA ASP B 95 21.72 -1.08 -5.13
C ASP B 95 21.05 -1.12 -3.76
N LEU B 96 20.07 -0.24 -3.53
CA LEU B 96 19.38 -0.10 -2.23
C LEU B 96 18.76 -1.40 -1.67
N PRO B 97 18.68 -1.53 -0.32
CA PRO B 97 18.07 -2.70 0.33
C PRO B 97 16.73 -3.09 -0.29
N CYS B 98 15.84 -2.12 -0.50
CA CYS B 98 14.50 -2.37 -1.08
C CYS B 98 14.51 -2.86 -2.54
N MET B 99 15.66 -2.70 -3.20
CA MET B 99 15.87 -3.23 -4.55
C MET B 99 16.88 -4.39 -4.52
N ASP B 100 18.08 -4.21 -5.06
CA ASP B 100 19.01 -5.35 -5.13
C ASP B 100 19.80 -5.65 -3.86
N ASN B 101 19.86 -4.69 -2.93
CA ASN B 101 20.49 -4.88 -1.61
C ASN B 101 21.98 -5.22 -1.72
N ALA B 102 22.70 -4.39 -2.47
CA ALA B 102 24.10 -4.66 -2.80
C ALA B 102 25.06 -3.92 -1.89
N ALA B 103 25.95 -4.66 -1.21
CA ALA B 103 26.98 -4.06 -0.37
C ALA B 103 28.10 -3.36 -1.19
N LEU B 104 28.28 -3.82 -2.42
CA LEU B 104 29.37 -3.37 -3.30
C LEU B 104 28.93 -3.06 -4.73
N ARG B 105 29.56 -2.07 -5.35
CA ARG B 105 29.33 -1.73 -6.75
C ARG B 105 30.70 -1.63 -7.38
N ARG B 106 30.94 -2.57 -8.30
CA ARG B 106 32.29 -2.97 -8.76
C ARG B 106 33.07 -3.47 -7.56
N ASN B 107 34.16 -2.78 -7.22
CA ASN B 107 34.90 -3.16 -6.02
C ASN B 107 34.62 -2.27 -4.80
N HIS B 108 34.01 -1.11 -5.07
CA HIS B 108 33.73 -0.07 -4.07
C HIS B 108 32.46 -0.35 -3.24
N PRO B 109 32.48 -0.04 -1.92
CA PRO B 109 31.25 -0.08 -1.11
C PRO B 109 30.18 0.91 -1.57
N THR B 110 28.93 0.47 -1.49
CA THR B 110 27.78 1.28 -1.89
C THR B 110 27.47 2.33 -0.85
N LEU B 111 26.78 3.39 -1.30
CA LEU B 111 26.51 4.56 -0.48
C LEU B 111 25.75 4.24 0.80
N HIS B 112 24.84 3.28 0.76
CA HIS B 112 24.06 2.94 1.94
C HIS B 112 24.82 2.07 2.94
N ALA B 113 25.80 1.32 2.44
CA ALA B 113 26.68 0.53 3.29
C ALA B 113 27.75 1.39 3.97
N LYS B 114 28.39 2.28 3.19
CA LYS B 114 29.44 3.15 3.72
C LYS B 114 28.86 4.25 4.61
N TYR B 115 27.68 4.75 4.24
CA TYR B 115 27.06 5.88 4.93
C TYR B 115 25.74 5.45 5.54
N ASP B 116 24.62 5.88 4.95
CA ASP B 116 23.32 5.30 5.32
C ASP B 116 22.34 5.31 4.15
N GLU B 117 21.23 4.60 4.35
CA GLU B 117 20.21 4.39 3.37
C GLU B 117 19.63 5.68 2.82
N THR B 118 19.30 6.61 3.72
CA THR B 118 18.72 7.90 3.37
C THR B 118 19.65 8.72 2.48
N THR B 119 20.92 8.75 2.84
CA THR B 119 21.97 9.45 2.09
C THR B 119 22.06 8.90 0.67
N ALA B 120 21.97 7.57 0.57
CA ALA B 120 22.06 6.89 -0.70
C ALA B 120 20.91 7.28 -1.62
N VAL B 121 19.68 7.24 -1.10
CA VAL B 121 18.50 7.72 -1.84
C VAL B 121 18.63 9.17 -2.35
N LEU B 122 18.99 10.07 -1.44
CA LEU B 122 19.03 11.49 -1.70
C LEU B 122 20.15 11.90 -2.67
N ILE B 123 21.27 11.18 -2.61
CA ILE B 123 22.37 11.41 -3.56
C ILE B 123 22.05 10.90 -4.95
N GLY B 124 21.36 9.75 -5.00
CA GLY B 124 20.70 9.29 -6.22
C GLY B 124 19.80 10.38 -6.81
N ASP B 125 18.96 11.01 -5.97
CA ASP B 125 18.05 12.09 -6.42
C ASP B 125 18.88 13.30 -6.94
N ALA B 126 19.98 13.61 -6.25
CA ALA B 126 20.82 14.78 -6.59
C ALA B 126 21.53 14.60 -7.90
N LEU B 127 22.10 13.42 -8.10
CA LEU B 127 22.69 13.05 -9.39
C LEU B 127 21.70 12.99 -10.56
N ASN B 128 20.48 12.48 -10.30
CA ASN B 128 19.39 12.65 -11.30
C ASN B 128 19.25 14.14 -11.74
N THR B 129 19.04 15.04 -10.78
CA THR B 129 18.80 16.46 -11.04
C THR B 129 20.03 17.17 -11.62
N TYR B 130 21.22 16.79 -11.11
CA TYR B 130 22.51 17.28 -11.58
C TYR B 130 22.81 16.99 -13.05
N SER B 131 22.39 15.82 -13.55
CA SER B 131 22.42 15.59 -15.02
C SER B 131 21.87 16.81 -15.79
N PHE B 132 20.70 17.28 -15.37
CA PHE B 132 20.03 18.39 -16.05
C PHE B 132 20.64 19.74 -15.82
N GLU B 133 21.25 19.93 -14.65
CA GLU B 133 22.04 21.11 -14.40
C GLU B 133 23.24 21.18 -15.31
N LEU B 134 23.99 20.08 -15.39
CA LEU B 134 25.16 20.00 -16.27
C LEU B 134 24.83 20.29 -17.71
N LEU B 135 23.75 19.67 -18.18
CA LEU B 135 23.30 19.80 -19.56
C LEU B 135 22.93 21.24 -19.87
N SER B 136 22.18 21.87 -18.96
CA SER B 136 21.67 23.22 -19.18
C SER B 136 22.75 24.28 -19.07
N ASN B 137 23.86 23.95 -18.42
CA ASN B 137 25.01 24.85 -18.29
C ASN B 137 26.11 24.71 -19.37
N ALA B 138 25.96 23.76 -20.30
CA ALA B 138 26.88 23.58 -21.44
C ALA B 138 26.67 24.65 -22.50
N LEU B 139 27.77 25.26 -22.97
CA LEU B 139 27.66 26.47 -23.82
C LEU B 139 27.56 26.20 -25.31
N LEU B 140 26.50 25.49 -25.69
CA LEU B 140 26.15 25.30 -27.09
C LEU B 140 24.91 26.12 -27.34
N GLU B 141 24.46 26.16 -28.58
CA GLU B 141 23.28 26.92 -28.95
C GLU B 141 22.07 26.38 -28.21
N SER B 142 21.20 27.29 -27.79
CA SER B 142 20.16 26.98 -26.84
C SER B 142 19.20 25.93 -27.39
N HIS B 143 18.95 25.98 -28.70
CA HIS B 143 18.13 24.98 -29.36
C HIS B 143 18.74 23.58 -29.31
N ILE B 144 20.08 23.50 -29.36
CA ILE B 144 20.79 22.21 -29.22
C ILE B 144 20.59 21.66 -27.81
N ILE B 145 20.84 22.50 -26.80
CA ILE B 145 20.70 22.15 -25.38
C ILE B 145 19.31 21.61 -25.08
N VAL B 146 18.27 22.35 -25.51
CA VAL B 146 16.87 21.98 -25.30
C VAL B 146 16.56 20.57 -25.82
N GLU B 147 16.97 20.28 -27.06
CA GLU B 147 16.79 18.96 -27.67
C GLU B 147 17.49 17.83 -26.91
N LEU B 148 18.70 18.07 -26.42
CA LEU B 148 19.41 17.06 -25.59
C LEU B 148 18.66 16.75 -24.31
N ILE B 149 18.06 17.77 -23.71
CA ILE B 149 17.30 17.61 -22.46
C ILE B 149 16.03 16.82 -22.72
N LYS B 150 15.34 17.12 -23.83
CA LYS B 150 14.19 16.33 -24.27
C LYS B 150 14.54 14.86 -24.41
N ILE B 151 15.67 14.58 -25.09
CA ILE B 151 16.13 13.22 -25.32
C ILE B 151 16.50 12.53 -24.00
N LEU B 152 17.33 13.19 -23.20
CA LEU B 152 17.84 12.62 -21.98
C LEU B 152 16.73 12.35 -20.99
N SER B 153 15.80 13.29 -20.83
CA SER B 153 14.68 13.14 -19.91
C SER B 153 13.63 12.12 -20.37
N ALA B 154 13.33 12.09 -21.67
CA ALA B 154 12.41 11.09 -22.24
C ALA B 154 12.92 9.67 -22.10
N ASN B 155 14.22 9.48 -22.39
CA ASN B 155 14.85 8.17 -22.34
C ASN B 155 15.23 7.74 -20.92
N GLY B 156 15.62 8.71 -20.09
CA GLY B 156 15.96 8.43 -18.70
C GLY B 156 14.79 8.26 -17.73
N GLY B 157 13.61 8.64 -18.17
CA GLY B 157 12.46 8.86 -17.31
C GLY B 157 11.45 7.73 -17.32
N ILE B 158 10.22 8.06 -16.94
CA ILE B 158 9.12 7.08 -16.74
C ILE B 158 8.83 6.26 -18.01
N LYS B 159 9.04 6.85 -19.19
CA LYS B 159 8.76 6.16 -20.45
C LYS B 159 9.95 5.33 -20.92
N GLY B 160 11.09 5.49 -20.24
CA GLY B 160 12.31 4.77 -20.60
C GLY B 160 12.88 3.90 -19.51
N MET B 161 14.03 4.33 -19.00
CA MET B 161 14.82 3.57 -18.03
C MET B 161 14.05 3.12 -16.78
N ILE B 162 13.13 3.95 -16.33
CA ILE B 162 12.43 3.74 -15.07
C ILE B 162 11.34 2.67 -15.20
N LEU B 163 10.56 2.74 -16.28
CA LEU B 163 9.66 1.65 -16.64
C LEU B 163 10.37 0.30 -16.65
N GLY B 164 11.52 0.23 -17.32
CA GLY B 164 12.32 -0.98 -17.35
C GLY B 164 12.74 -1.40 -15.96
N GLN B 165 13.21 -0.42 -15.18
CA GLN B 165 13.59 -0.65 -13.79
C GLN B 165 12.40 -1.15 -12.92
N ALA B 166 11.25 -0.51 -13.02
CA ALA B 166 10.05 -0.93 -12.28
C ALA B 166 9.60 -2.35 -12.62
N LEU B 167 9.57 -2.66 -13.91
CA LEU B 167 9.28 -4.01 -14.41
C LEU B 167 10.19 -5.07 -13.81
N ASP B 168 11.49 -4.77 -13.81
CA ASP B 168 12.52 -5.66 -13.25
C ASP B 168 12.32 -5.99 -11.77
N CYS B 169 11.81 -5.03 -11.01
CA CYS B 169 11.58 -5.23 -9.59
C CYS B 169 10.23 -5.89 -9.29
N TYR B 170 9.19 -5.42 -9.99
CA TYR B 170 7.85 -5.95 -9.79
C TYR B 170 7.73 -7.40 -10.20
N PHE B 171 8.40 -7.79 -11.28
CA PHE B 171 8.35 -9.17 -11.75
C PHE B 171 9.64 -9.91 -11.43
N GLU B 172 10.22 -9.60 -10.27
CA GLU B 172 11.40 -10.28 -9.77
C GLU B 172 11.04 -11.73 -9.42
N ASN B 173 9.86 -11.92 -8.85
CA ASN B 173 9.35 -13.28 -8.57
C ASN B 173 8.28 -13.70 -9.59
N THR B 174 8.61 -13.52 -10.86
CA THR B 174 7.73 -13.92 -11.96
C THR B 174 8.61 -14.35 -13.13
N PRO B 175 8.41 -15.59 -13.63
CA PRO B 175 9.10 -15.98 -14.85
C PRO B 175 8.49 -15.25 -16.07
N LEU B 176 9.29 -14.42 -16.71
CA LEU B 176 8.85 -13.67 -17.86
C LEU B 176 9.17 -14.46 -19.13
N ASN B 177 8.28 -14.40 -20.13
CA ASN B 177 8.60 -14.95 -21.44
C ASN B 177 9.61 -14.06 -22.18
N LEU B 178 10.04 -14.48 -23.37
CA LEU B 178 11.09 -13.76 -24.09
C LEU B 178 10.66 -12.38 -24.59
N GLU B 179 9.43 -12.28 -25.06
CA GLU B 179 8.83 -11.01 -25.49
C GLU B 179 8.83 -9.99 -24.35
N GLN B 180 8.43 -10.42 -23.15
CA GLN B 180 8.40 -9.51 -22.03
C GLN B 180 9.76 -9.20 -21.41
N LEU B 181 10.69 -10.16 -21.49
CA LEU B 181 12.05 -9.92 -21.01
C LEU B 181 12.85 -8.96 -21.94
N THR B 182 12.60 -9.05 -23.24
CA THR B 182 13.18 -8.17 -24.24
C THR B 182 12.71 -6.73 -24.09
N PHE B 183 11.41 -6.57 -23.89
CA PHE B 183 10.80 -5.27 -23.60
C PHE B 183 11.36 -4.68 -22.30
N LEU B 184 11.54 -5.51 -21.27
CA LEU B 184 12.15 -5.06 -20.01
C LEU B 184 13.52 -4.43 -20.27
N HIS B 185 14.43 -5.19 -20.89
CA HIS B 185 15.80 -4.75 -21.14
C HIS B 185 15.99 -3.71 -22.23
N GLU B 186 15.02 -3.62 -23.14
CA GLU B 186 14.97 -2.51 -24.09
C GLU B 186 14.81 -1.21 -23.32
N HIS B 187 13.99 -1.23 -22.27
CA HIS B 187 13.73 -0.02 -21.49
C HIS B 187 14.78 0.23 -20.42
N LYS B 188 15.06 -0.80 -19.62
CA LYS B 188 16.05 -0.75 -18.54
C LYS B 188 17.42 -0.30 -19.03
N THR B 189 17.88 -0.88 -20.14
CA THR B 189 19.24 -0.70 -20.59
C THR B 189 19.40 0.06 -21.93
N ALA B 190 18.63 -0.35 -22.94
CA ALA B 190 18.90 0.04 -24.32
C ALA B 190 18.56 1.48 -24.63
N LYS B 191 17.54 1.98 -23.93
CA LYS B 191 17.00 3.31 -24.15
C LYS B 191 18.04 4.43 -23.90
N LEU B 192 18.78 4.30 -22.81
CA LEU B 192 19.82 5.24 -22.46
C LEU B 192 21.07 5.09 -23.34
N ILE B 193 21.28 3.89 -23.86
CA ILE B 193 22.38 3.64 -24.82
C ILE B 193 22.07 4.28 -26.17
N SER B 194 20.82 4.13 -26.62
CA SER B 194 20.40 4.77 -27.86
C SER B 194 20.38 6.29 -27.74
N ALA B 195 19.91 6.80 -26.59
CA ALA B 195 20.01 8.21 -26.23
C ALA B 195 21.42 8.80 -26.38
N SER B 196 22.44 8.11 -25.86
CA SER B 196 23.83 8.59 -25.99
C SER B 196 24.26 8.81 -27.44
N LEU B 197 23.83 7.90 -28.32
CA LEU B 197 24.13 7.98 -29.73
C LEU B 197 23.48 9.17 -30.41
N ILE B 198 22.17 9.29 -30.24
CA ILE B 198 21.44 10.41 -30.84
C ILE B 198 21.78 11.76 -30.20
N MET B 199 22.18 11.76 -28.92
CA MET B 199 22.69 12.99 -28.28
C MET B 199 24.00 13.47 -28.91
N GLY B 200 24.87 12.52 -29.27
CA GLY B 200 26.08 12.78 -30.04
C GLY B 200 25.76 13.43 -31.37
N LEU B 201 24.73 12.92 -32.05
CA LEU B 201 24.29 13.52 -33.31
C LEU B 201 23.72 14.93 -33.10
N VAL B 202 22.78 15.06 -32.16
CA VAL B 202 22.17 16.37 -31.86
C VAL B 202 23.22 17.41 -31.44
N ALA B 203 24.15 17.01 -30.56
CA ALA B 203 25.22 17.92 -30.12
C ALA B 203 26.18 18.39 -31.24
N SER B 204 26.25 17.65 -32.33
CA SER B 204 27.15 17.96 -33.45
C SER B 204 26.66 19.15 -34.27
N GLY B 205 25.37 19.48 -34.14
CA GLY B 205 24.78 20.61 -34.83
C GLY B 205 24.19 20.27 -36.19
N ILE B 206 24.67 19.18 -36.78
CA ILE B 206 24.26 18.79 -38.12
C ILE B 206 22.90 18.08 -38.12
N LYS B 207 22.13 18.33 -39.18
CA LYS B 207 20.76 17.83 -39.33
C LYS B 207 20.74 16.65 -40.28
N ASP B 208 20.29 15.50 -39.78
CA ASP B 208 20.23 14.29 -40.57
C ASP B 208 19.24 13.30 -39.97
N GLU B 209 17.99 13.42 -40.41
CA GLU B 209 16.90 12.63 -39.83
C GLU B 209 16.99 11.14 -40.12
N GLU B 210 17.56 10.78 -41.27
CA GLU B 210 17.80 9.37 -41.61
C GLU B 210 18.84 8.77 -40.68
N LEU B 211 19.92 9.54 -40.43
CA LEU B 211 20.95 9.12 -39.49
C LEU B 211 20.41 9.01 -38.05
N PHE B 212 19.62 9.99 -37.65
CA PHE B 212 18.94 10.02 -36.37
C PHE B 212 18.14 8.75 -36.11
N LYS B 213 17.32 8.35 -37.09
CA LYS B 213 16.49 7.17 -36.97
C LYS B 213 17.31 5.89 -36.98
N TRP B 214 18.40 5.91 -37.74
CA TRP B 214 19.33 4.78 -37.81
C TRP B 214 20.07 4.60 -36.48
N LEU B 215 20.57 5.69 -35.94
CA LEU B 215 21.27 5.65 -34.65
C LEU B 215 20.36 5.24 -33.49
N GLN B 216 19.13 5.73 -33.50
CA GLN B 216 18.16 5.40 -32.47
C GLN B 216 17.90 3.89 -32.43
N ALA B 217 17.65 3.33 -33.60
CA ALA B 217 17.33 1.93 -33.76
C ALA B 217 18.53 1.04 -33.52
N PHE B 218 19.69 1.46 -34.03
CA PHE B 218 20.94 0.76 -33.78
C PHE B 218 21.26 0.66 -32.30
N GLY B 219 21.06 1.76 -31.57
CA GLY B 219 21.32 1.82 -30.14
C GLY B 219 20.45 0.88 -29.33
N LEU B 220 19.18 0.80 -29.71
CA LEU B 220 18.25 -0.18 -29.14
C LEU B 220 18.74 -1.61 -29.35
N LYS B 221 19.31 -1.87 -30.55
CA LYS B 221 19.82 -3.20 -30.91
C LYS B 221 21.10 -3.55 -30.17
N MET B 222 22.08 -2.64 -30.21
CA MET B 222 23.31 -2.81 -29.45
C MET B 222 23.04 -2.94 -27.95
N GLY B 223 22.13 -2.12 -27.44
CA GLY B 223 21.76 -2.12 -26.04
C GLY B 223 21.28 -3.48 -25.58
N LEU B 224 20.44 -4.12 -26.39
CA LEU B 224 19.94 -5.47 -26.12
C LEU B 224 21.08 -6.47 -26.12
N CYS B 225 21.99 -6.30 -27.07
CA CYS B 225 23.14 -7.19 -27.23
C CYS B 225 24.10 -7.10 -26.05
N PHE B 226 24.36 -5.86 -25.61
CA PHE B 226 25.07 -5.54 -24.36
C PHE B 226 24.44 -6.28 -23.16
N GLN B 227 23.12 -6.28 -23.03
CA GLN B 227 22.46 -7.01 -21.93
C GLN B 227 22.66 -8.51 -21.96
N VAL B 228 22.54 -9.10 -23.15
CA VAL B 228 22.67 -10.54 -23.32
C VAL B 228 24.07 -10.99 -22.91
N LEU B 229 25.08 -10.27 -23.40
CA LEU B 229 26.45 -10.52 -23.03
C LEU B 229 26.73 -10.27 -21.55
N ASP B 230 26.10 -9.24 -20.97
CA ASP B 230 26.22 -8.95 -19.54
C ASP B 230 25.58 -10.06 -18.68
N ASP B 231 24.47 -10.63 -19.16
CA ASP B 231 23.82 -11.77 -18.50
C ASP B 231 24.71 -13.02 -18.51
N ILE B 232 25.47 -13.19 -19.60
CA ILE B 232 26.40 -14.33 -19.75
C ILE B 232 27.60 -14.22 -18.81
N ILE B 233 28.17 -13.01 -18.73
CA ILE B 233 29.28 -12.68 -17.81
C ILE B 233 28.92 -12.95 -16.34
N ASP B 234 27.66 -12.65 -15.97
CA ASP B 234 27.13 -12.88 -14.63
C ASP B 234 27.12 -14.35 -14.19
N VAL B 235 27.02 -15.27 -15.15
CA VAL B 235 27.00 -16.70 -14.84
C VAL B 235 28.41 -17.30 -14.96
N THR B 236 29.32 -16.57 -15.61
CA THR B 236 30.71 -17.00 -15.75
C THR B 236 31.50 -16.81 -14.44
N GLN B 237 31.44 -15.60 -13.88
CA GLN B 237 32.14 -15.30 -12.62
C GLN B 237 31.15 -15.02 -11.49
N LYS B 252 16.07 -15.28 -11.07
CA LYS B 252 16.32 -14.05 -11.82
C LYS B 252 15.62 -14.08 -13.16
N ASN B 253 15.29 -12.88 -13.67
CA ASN B 253 14.87 -12.72 -15.06
C ASN B 253 16.07 -12.38 -15.92
N SER B 254 16.68 -13.42 -16.48
CA SER B 254 17.81 -13.27 -17.40
C SER B 254 17.65 -14.22 -18.57
N PHE B 255 18.33 -13.89 -19.67
CA PHE B 255 18.30 -14.70 -20.89
C PHE B 255 18.93 -16.08 -20.68
N VAL B 256 19.95 -16.15 -19.81
CA VAL B 256 20.54 -17.43 -19.42
C VAL B 256 19.55 -18.29 -18.63
N ASN B 257 18.77 -17.69 -17.74
CA ASN B 257 17.72 -18.42 -17.01
C ASN B 257 16.56 -18.89 -17.88
N LEU B 258 16.34 -18.18 -18.99
CA LEU B 258 15.20 -18.42 -19.87
C LEU B 258 15.54 -19.31 -21.07
N LEU B 259 16.78 -19.22 -21.55
CA LEU B 259 17.19 -20.00 -22.71
C LEU B 259 18.07 -21.18 -22.33
N GLY B 260 18.82 -21.02 -21.24
CA GLY B 260 19.95 -21.90 -20.94
C GLY B 260 21.19 -21.18 -21.43
N LEU B 261 22.34 -21.48 -20.81
CA LEU B 261 23.61 -20.85 -21.19
C LEU B 261 24.07 -21.25 -22.59
N GLU B 262 23.63 -22.42 -23.04
CA GLU B 262 23.84 -22.92 -24.39
C GLU B 262 23.23 -21.97 -25.43
N ARG B 263 21.90 -21.81 -25.35
CA ARG B 263 21.15 -21.01 -26.32
C ARG B 263 21.42 -19.51 -26.22
N ALA B 264 21.61 -19.01 -25.01
CA ALA B 264 21.92 -17.60 -24.77
C ALA B 264 23.23 -17.16 -25.40
N ASN B 265 24.22 -18.06 -25.41
CA ASN B 265 25.51 -17.78 -26.04
C ASN B 265 25.45 -17.70 -27.56
N ASN B 266 24.71 -18.63 -28.18
CA ASN B 266 24.47 -18.61 -29.62
C ASN B 266 23.73 -17.34 -30.04
N TYR B 267 22.67 -17.00 -29.29
CA TYR B 267 21.90 -15.75 -29.46
C TYR B 267 22.80 -14.53 -29.45
N ALA B 268 23.69 -14.44 -28.47
CA ALA B 268 24.61 -13.31 -28.35
C ALA B 268 25.53 -13.22 -29.57
N GLN B 269 26.02 -14.38 -30.02
CA GLN B 269 26.85 -14.47 -31.22
C GLN B 269 26.13 -14.01 -32.48
N THR B 270 24.89 -14.46 -32.67
CA THR B 270 24.14 -14.04 -33.86
C THR B 270 23.67 -12.59 -33.76
N LEU B 271 23.46 -12.11 -32.54
CA LEU B 271 23.14 -10.71 -32.30
C LEU B 271 24.33 -9.80 -32.57
N LYS B 272 25.51 -10.18 -32.04
CA LYS B 272 26.78 -9.49 -32.32
C LYS B 272 27.07 -9.39 -33.81
N THR B 273 26.78 -10.47 -34.52
CA THR B 273 26.88 -10.54 -35.98
C THR B 273 25.95 -9.51 -36.60
N GLU B 274 24.66 -9.58 -36.25
CA GLU B 274 23.65 -8.61 -36.69
C GLU B 274 24.06 -7.15 -36.50
N VAL B 275 24.61 -6.85 -35.32
CA VAL B 275 24.99 -5.50 -34.94
C VAL B 275 26.14 -5.02 -35.81
N LEU B 276 27.19 -5.83 -35.89
CA LEU B 276 28.36 -5.54 -36.74
C LEU B 276 28.02 -5.44 -38.21
N ASN B 277 27.08 -6.27 -38.64
CA ASN B 277 26.60 -6.27 -40.01
C ASN B 277 25.79 -5.03 -40.37
N ASP B 278 24.90 -4.61 -39.46
CA ASP B 278 24.11 -3.38 -39.67
C ASP B 278 25.02 -2.15 -39.64
N LEU B 279 26.04 -2.21 -38.80
CA LEU B 279 27.03 -1.17 -38.70
C LEU B 279 27.77 -0.97 -40.02
N ASP B 280 27.98 -2.07 -40.75
CA ASP B 280 28.68 -2.02 -42.05
C ASP B 280 27.97 -1.19 -43.12
N ALA B 281 26.65 -1.12 -43.06
CA ALA B 281 25.86 -0.28 -43.97
C ALA B 281 26.08 1.23 -43.80
N LEU B 282 26.82 1.62 -42.76
CA LEU B 282 27.22 3.01 -42.57
C LEU B 282 28.50 3.35 -43.32
N LYS B 283 29.36 2.35 -43.53
CA LYS B 283 30.63 2.51 -44.27
C LYS B 283 30.59 3.45 -45.49
N PRO B 284 29.62 3.27 -46.43
CA PRO B 284 29.64 4.19 -47.58
C PRO B 284 29.27 5.65 -47.28
N ALA B 285 28.19 5.86 -46.53
CA ALA B 285 27.69 7.22 -46.25
C ALA B 285 28.38 7.95 -45.09
N TYR B 286 28.84 7.20 -44.09
CA TYR B 286 29.54 7.77 -42.92
C TYR B 286 30.72 6.92 -42.48
N PRO B 287 31.86 7.02 -43.22
CA PRO B 287 33.06 6.22 -42.92
C PRO B 287 33.67 6.48 -41.53
N LEU B 288 33.82 7.75 -41.14
CA LEU B 288 34.40 8.08 -39.83
C LEU B 288 33.52 7.68 -38.63
N LEU B 289 32.20 7.79 -38.81
CA LEU B 289 31.23 7.34 -37.81
C LEU B 289 31.32 5.84 -37.65
N GLN B 290 31.33 5.12 -38.77
CA GLN B 290 31.41 3.67 -38.78
C GLN B 290 32.65 3.19 -38.06
N GLU B 291 33.75 3.90 -38.29
CA GLU B 291 35.05 3.57 -37.74
C GLU B 291 35.14 3.68 -36.21
N ASN B 292 34.64 4.78 -35.65
CA ASN B 292 34.65 4.99 -34.19
C ASN B 292 33.78 3.94 -33.49
N LEU B 293 32.56 3.76 -34.00
CA LEU B 293 31.60 2.80 -33.44
C LEU B 293 32.07 1.35 -33.56
N ASN B 294 32.61 0.99 -34.73
CA ASN B 294 33.16 -0.36 -34.96
C ASN B 294 34.29 -0.71 -34.01
N ALA B 295 35.20 0.25 -33.80
CA ALA B 295 36.31 0.10 -32.89
C ALA B 295 35.86 -0.09 -31.44
N LEU B 296 34.86 0.70 -31.03
CA LEU B 296 34.34 0.64 -29.67
C LEU B 296 33.59 -0.68 -29.43
N LEU B 297 32.79 -1.07 -30.41
CA LEU B 297 32.06 -2.33 -30.34
C LEU B 297 32.94 -3.58 -30.33
N ASN B 298 34.02 -3.57 -31.11
CA ASN B 298 34.96 -4.69 -31.09
C ASN B 298 35.66 -4.87 -29.76
N THR B 299 35.91 -3.77 -29.05
CA THR B 299 36.54 -3.81 -27.74
C THR B 299 35.55 -4.30 -26.67
N LEU B 300 34.30 -3.84 -26.79
CA LEU B 300 33.21 -4.30 -25.94
C LEU B 300 32.95 -5.80 -26.10
N PHE B 301 32.91 -6.26 -27.35
CA PHE B 301 32.65 -7.67 -27.65
C PHE B 301 33.84 -8.61 -27.37
N LYS B 302 34.97 -8.03 -26.95
CA LYS B 302 36.17 -8.79 -26.65
C LYS B 302 36.23 -9.11 -25.15
N GLY B 303 36.58 -8.12 -24.34
CA GLY B 303 36.64 -8.28 -22.89
C GLY B 303 38.02 -8.08 -22.32
N SER C 2 -21.48 7.18 46.31
CA SER C 2 -22.32 6.23 47.06
C SER C 2 -21.48 5.15 47.75
N LEU C 3 -22.08 4.49 48.74
CA LEU C 3 -21.39 3.46 49.51
C LEU C 3 -21.76 2.08 48.99
N SER C 4 -20.78 1.40 48.40
CA SER C 4 -21.00 0.14 47.69
C SER C 4 -21.25 -1.04 48.60
N SER C 5 -22.38 -1.69 48.34
CA SER C 5 -22.80 -2.91 49.01
C SER C 5 -21.82 -4.04 48.70
N PRO C 6 -21.86 -5.15 49.47
CA PRO C 6 -21.06 -6.34 49.10
C PRO C 6 -21.14 -6.73 47.62
N ASN C 7 -22.34 -6.76 47.06
CA ASN C 7 -22.54 -7.10 45.67
C ASN C 7 -21.92 -6.10 44.69
N LEU C 8 -22.24 -4.83 44.87
CA LEU C 8 -21.75 -3.78 43.98
C LEU C 8 -20.23 -3.62 44.06
N SER C 9 -19.68 -3.77 45.26
CA SER C 9 -18.24 -3.67 45.46
C SER C 9 -17.49 -4.86 44.86
N PHE C 10 -18.15 -6.02 44.86
CA PHE C 10 -17.65 -7.24 44.24
C PHE C 10 -17.61 -7.09 42.72
N TYR C 11 -18.69 -6.52 42.16
CA TYR C 11 -18.80 -6.29 40.73
C TYR C 11 -17.73 -5.32 40.25
N TYR C 12 -17.49 -4.27 41.02
CA TYR C 12 -16.48 -3.26 40.68
C TYR C 12 -15.08 -3.86 40.61
N ASN C 13 -14.81 -4.83 41.48
CA ASN C 13 -13.51 -5.47 41.56
C ASN C 13 -13.32 -6.43 40.39
N GLU C 14 -14.40 -7.04 39.93
CA GLU C 14 -14.33 -7.89 38.75
C GLU C 14 -14.07 -7.11 37.43
N CYS C 15 -14.66 -5.92 37.32
CA CYS C 15 -14.41 -5.04 36.18
C CYS C 15 -12.95 -4.62 36.10
N GLU C 16 -12.33 -4.38 37.25
CA GLU C 16 -10.90 -4.07 37.31
C GLU C 16 -10.06 -5.28 36.96
N ARG C 17 -10.48 -6.45 37.42
CA ARG C 17 -9.74 -7.67 37.19
C ARG C 17 -9.85 -8.16 35.75
N PHE C 18 -10.97 -7.82 35.09
CA PHE C 18 -11.13 -8.08 33.67
C PHE C 18 -10.13 -7.27 32.86
N GLU C 19 -9.95 -6.01 33.21
CA GLU C 19 -9.01 -5.13 32.52
C GLU C 19 -7.55 -5.58 32.61
N SER C 20 -7.19 -6.26 33.71
CA SER C 20 -5.86 -6.82 33.84
C SER C 20 -5.75 -8.08 33.02
N PHE C 21 -6.83 -8.85 32.97
CA PHE C 21 -6.87 -10.10 32.21
C PHE C 21 -6.67 -9.78 30.72
N LEU C 22 -7.40 -8.81 30.24
CA LEU C 22 -7.25 -8.32 28.90
C LEU C 22 -5.83 -7.87 28.61
N LYS C 23 -5.27 -7.13 29.53
CA LYS C 23 -3.94 -6.51 29.40
C LYS C 23 -2.81 -7.53 29.31
N ASN C 24 -2.98 -8.65 30.00
CA ASN C 24 -1.97 -9.69 30.09
C ASN C 24 -2.27 -10.89 29.21
N HIS C 25 -3.36 -10.82 28.45
CA HIS C 25 -3.68 -11.84 27.45
C HIS C 25 -2.72 -11.70 26.29
N HIS C 26 -1.88 -12.71 26.12
CA HIS C 26 -0.90 -12.72 25.03
C HIS C 26 -1.12 -13.97 24.20
N LEU C 27 -1.01 -13.81 22.89
CA LEU C 27 -1.15 -14.95 21.99
C LEU C 27 0.20 -15.36 21.41
N HIS C 28 0.50 -16.65 21.53
CA HIS C 28 1.74 -17.21 21.04
C HIS C 28 1.63 -17.42 19.54
N LEU C 29 2.25 -16.52 18.78
CA LEU C 29 2.22 -16.59 17.32
C LEU C 29 3.63 -16.55 16.74
N GLU C 30 4.16 -17.74 16.43
CA GLU C 30 5.52 -17.87 15.91
C GLU C 30 5.49 -17.89 14.38
N SER C 31 6.04 -16.85 13.78
CA SER C 31 6.21 -16.78 12.33
C SER C 31 7.31 -15.80 11.98
N PHE C 32 7.60 -15.70 10.69
CA PHE C 32 8.60 -14.76 10.20
C PHE C 32 8.00 -13.43 9.73
N HIS C 33 6.79 -13.12 10.18
CA HIS C 33 6.15 -11.82 9.91
C HIS C 33 6.67 -10.81 10.94
N PRO C 34 7.10 -9.61 10.48
CA PRO C 34 7.74 -8.61 11.35
C PRO C 34 6.83 -8.03 12.45
N TYR C 35 5.55 -7.83 12.17
CA TYR C 35 4.69 -7.15 13.14
C TYR C 35 3.31 -7.76 13.44
N LEU C 36 3.02 -8.94 12.91
CA LEU C 36 1.65 -9.47 12.98
C LEU C 36 1.13 -9.70 14.39
N GLU C 37 1.92 -10.34 15.25
CA GLU C 37 1.46 -10.65 16.63
C GLU C 37 1.34 -9.41 17.52
N LYS C 38 2.15 -8.39 17.22
CA LYS C 38 2.04 -7.08 17.87
C LYS C 38 0.73 -6.42 17.46
N ALA C 39 0.50 -6.38 16.15
CA ALA C 39 -0.61 -5.66 15.55
C ALA C 39 -1.99 -6.30 15.79
N PHE C 40 -2.00 -7.61 16.05
CA PHE C 40 -3.22 -8.36 16.33
C PHE C 40 -4.04 -7.79 17.50
N PHE C 41 -3.42 -7.66 18.67
CA PHE C 41 -4.13 -7.22 19.87
C PHE C 41 -4.03 -5.72 20.13
N GLU C 42 -3.30 -5.01 19.26
CA GLU C 42 -3.02 -3.58 19.43
C GLU C 42 -4.27 -2.72 19.72
N MET C 43 -5.26 -2.77 18.82
CA MET C 43 -6.50 -1.97 18.98
C MET C 43 -7.42 -2.47 20.12
N VAL C 44 -7.24 -3.72 20.56
CA VAL C 44 -7.95 -4.19 21.75
C VAL C 44 -7.37 -3.52 23.00
N LEU C 45 -6.06 -3.66 23.17
CA LEU C 45 -5.31 -3.10 24.31
C LEU C 45 -5.41 -1.60 24.42
N ASN C 46 -5.53 -0.92 23.28
CA ASN C 46 -5.62 0.53 23.23
C ASN C 46 -7.05 1.00 23.03
N GLY C 47 -7.98 0.26 23.62
CA GLY C 47 -9.41 0.48 23.43
C GLY C 47 -10.10 1.35 24.48
N GLY C 48 -11.43 1.34 24.43
CA GLY C 48 -12.24 2.31 25.16
C GLY C 48 -12.72 1.91 26.54
N LYS C 49 -13.98 2.23 26.83
CA LYS C 49 -14.56 2.09 28.17
C LYS C 49 -14.90 0.67 28.60
N ARG C 50 -14.80 -0.29 27.66
CA ARG C 50 -15.10 -1.72 27.89
C ARG C 50 -16.58 -1.93 28.28
N PHE C 51 -17.45 -1.10 27.73
CA PHE C 51 -18.88 -1.07 28.08
C PHE C 51 -19.60 -2.42 28.00
N ARG C 52 -19.27 -3.22 26.99
CA ARG C 52 -19.97 -4.48 26.75
C ARG C 52 -19.53 -5.63 27.66
N PRO C 53 -18.20 -5.86 27.84
CA PRO C 53 -17.80 -6.75 28.93
C PRO C 53 -18.36 -6.34 30.30
N LYS C 54 -18.44 -5.03 30.55
CA LYS C 54 -19.03 -4.51 31.77
C LYS C 54 -20.51 -4.84 31.94
N LEU C 55 -21.28 -4.82 30.85
CA LEU C 55 -22.71 -5.17 30.88
C LEU C 55 -22.86 -6.65 31.16
N PHE C 56 -21.99 -7.43 30.52
CA PHE C 56 -21.96 -8.86 30.69
C PHE C 56 -21.64 -9.25 32.13
N LEU C 57 -20.63 -8.59 32.69
CA LEU C 57 -20.20 -8.84 34.05
C LEU C 57 -21.22 -8.34 35.06
N ALA C 58 -21.95 -7.27 34.74
CA ALA C 58 -23.01 -6.75 35.62
C ALA C 58 -24.09 -7.78 35.88
N VAL C 59 -24.48 -8.48 34.81
CA VAL C 59 -25.50 -9.51 34.85
C VAL C 59 -24.98 -10.76 35.57
N LEU C 60 -23.81 -11.21 35.12
CA LEU C 60 -23.17 -12.40 35.65
C LEU C 60 -22.78 -12.34 37.13
N CYS C 61 -22.24 -11.21 37.57
CA CYS C 61 -21.84 -11.03 38.97
C CYS C 61 -23.01 -11.01 39.94
N ALA C 62 -24.16 -10.54 39.46
CA ALA C 62 -25.37 -10.46 40.25
C ALA C 62 -26.10 -11.78 40.35
N LEU C 63 -25.99 -12.60 39.31
CA LEU C 63 -26.79 -13.81 39.21
C LEU C 63 -26.10 -15.06 39.73
N VAL C 64 -24.78 -15.11 39.64
CA VAL C 64 -24.07 -16.28 40.13
C VAL C 64 -23.49 -16.00 41.53
N GLY C 65 -23.44 -17.04 42.36
CA GLY C 65 -22.89 -16.97 43.70
C GLY C 65 -21.46 -16.45 43.72
N GLN C 66 -21.17 -15.64 44.73
CA GLN C 66 -19.88 -14.95 44.87
C GLN C 66 -18.68 -15.90 44.89
N LYS C 67 -18.84 -17.06 45.53
CA LYS C 67 -17.76 -18.04 45.60
C LYS C 67 -17.81 -19.04 44.45
N ASP C 68 -19.01 -19.27 43.91
CA ASP C 68 -19.18 -20.16 42.76
C ASP C 68 -18.61 -19.52 41.50
N TYR C 69 -18.65 -18.19 41.45
CA TYR C 69 -18.02 -17.39 40.42
C TYR C 69 -16.50 -17.54 40.41
N SER C 70 -15.89 -17.60 41.59
CA SER C 70 -14.43 -17.57 41.77
C SER C 70 -13.68 -18.71 41.09
N ASN C 71 -14.32 -19.87 41.00
CA ASN C 71 -13.75 -21.07 40.37
C ASN C 71 -13.60 -20.93 38.86
N GLN C 72 -14.59 -20.29 38.24
CA GLN C 72 -14.66 -20.15 36.79
C GLN C 72 -14.42 -18.73 36.30
N GLN C 73 -13.75 -17.91 37.10
CA GLN C 73 -13.50 -16.49 36.79
C GLN C 73 -12.79 -16.27 35.45
N THR C 74 -11.80 -17.12 35.17
CA THR C 74 -11.05 -17.09 33.93
C THR C 74 -11.97 -17.38 32.74
N GLU C 75 -12.83 -18.37 32.90
CA GLU C 75 -13.75 -18.78 31.85
C GLU C 75 -14.73 -17.67 31.53
N TYR C 76 -15.19 -16.97 32.56
CA TYR C 76 -16.07 -15.82 32.39
C TYR C 76 -15.33 -14.65 31.73
N PHE C 77 -14.04 -14.54 32.03
CA PHE C 77 -13.22 -13.46 31.49
C PHE C 77 -12.96 -13.59 30.00
N LYS C 78 -12.73 -14.81 29.51
CA LYS C 78 -12.54 -14.99 28.06
C LYS C 78 -13.82 -14.89 27.23
N ILE C 79 -14.95 -15.21 27.85
CA ILE C 79 -16.25 -14.89 27.26
C ILE C 79 -16.44 -13.38 27.11
N ALA C 80 -16.11 -12.63 28.15
CA ALA C 80 -16.19 -11.17 28.12
C ALA C 80 -15.21 -10.54 27.11
N LEU C 81 -14.03 -11.15 27.00
CA LEU C 81 -13.02 -10.71 26.05
C LEU C 81 -13.49 -10.97 24.61
N SER C 82 -14.16 -12.10 24.39
CA SER C 82 -14.69 -12.45 23.07
C SER C 82 -15.64 -11.39 22.53
N ILE C 83 -16.40 -10.76 23.42
CA ILE C 83 -17.34 -9.70 23.05
C ILE C 83 -16.54 -8.45 22.72
N GLU C 84 -15.50 -8.18 23.51
CA GLU C 84 -14.64 -7.03 23.29
C GLU C 84 -13.86 -7.18 21.98
N CYS C 85 -13.44 -8.41 21.66
CA CYS C 85 -12.77 -8.71 20.39
C CYS C 85 -13.66 -8.48 19.17
N LEU C 86 -14.90 -8.99 19.22
CA LEU C 86 -15.86 -8.77 18.15
C LEU C 86 -16.17 -7.28 17.97
N HIS C 87 -16.32 -6.57 19.08
CA HIS C 87 -16.59 -5.14 19.01
C HIS C 87 -15.40 -4.36 18.39
N THR C 88 -14.18 -4.77 18.70
CA THR C 88 -12.95 -4.12 18.21
C THR C 88 -12.78 -4.33 16.72
N TYR C 89 -12.96 -5.59 16.27
CA TYR C 89 -12.90 -5.92 14.84
C TYR C 89 -13.79 -4.99 14.00
N SER C 90 -15.02 -4.80 14.48
CA SER C 90 -15.99 -3.96 13.78
C SER C 90 -15.52 -2.50 13.68
N LEU C 91 -14.80 -2.04 14.70
CA LEU C 91 -14.26 -0.68 14.70
C LEU C 91 -13.11 -0.54 13.71
N ILE C 92 -12.24 -1.54 13.65
CA ILE C 92 -11.15 -1.58 12.67
C ILE C 92 -11.66 -1.48 11.24
N HIS C 93 -12.69 -2.27 10.94
CA HIS C 93 -13.33 -2.26 9.64
C HIS C 93 -14.12 -0.99 9.38
N ASP C 94 -14.72 -0.43 10.41
CA ASP C 94 -15.41 0.86 10.33
C ASP C 94 -14.44 1.98 9.96
N ASP C 95 -13.22 1.91 10.50
CA ASP C 95 -12.21 2.94 10.30
C ASP C 95 -11.56 2.98 8.92
N LEU C 96 -11.72 1.90 8.15
CA LEU C 96 -11.09 1.68 6.85
C LEU C 96 -11.43 2.74 5.80
N PRO C 97 -10.48 3.01 4.86
CA PRO C 97 -10.67 4.05 3.83
C PRO C 97 -11.95 4.00 3.00
N CYS C 98 -12.45 2.80 2.72
CA CYS C 98 -13.71 2.66 1.98
C CYS C 98 -14.95 3.00 2.84
N MET C 99 -14.76 3.03 4.16
CA MET C 99 -15.85 3.36 5.09
C MET C 99 -15.64 4.74 5.73
N ASP C 100 -15.26 4.80 7.02
CA ASP C 100 -15.10 6.11 7.66
C ASP C 100 -13.79 6.85 7.36
N ASN C 101 -12.76 6.11 6.94
CA ASN C 101 -11.42 6.63 6.61
C ASN C 101 -10.80 7.46 7.74
N ALA C 102 -10.75 6.85 8.93
CA ALA C 102 -10.27 7.57 10.10
C ALA C 102 -8.80 7.29 10.36
N ALA C 103 -8.01 8.34 10.58
CA ALA C 103 -6.60 8.17 10.93
C ALA C 103 -6.39 7.82 12.40
N LEU C 104 -7.36 8.13 13.25
CA LEU C 104 -7.28 7.84 14.70
C LEU C 104 -8.54 7.19 15.26
N ARG C 105 -8.34 6.43 16.31
CA ARG C 105 -9.41 5.96 17.16
C ARG C 105 -8.94 6.11 18.58
N ARG C 106 -9.67 6.87 19.39
CA ARG C 106 -9.30 7.14 20.77
C ARG C 106 -7.93 7.74 20.83
N ASN C 107 -7.53 8.43 19.80
CA ASN C 107 -6.21 9.04 19.80
C ASN C 107 -5.03 8.11 19.58
N HIS C 108 -5.29 6.84 19.27
CA HIS C 108 -4.22 5.98 18.78
C HIS C 108 -4.35 5.89 17.28
N PRO C 109 -3.24 5.69 16.59
CA PRO C 109 -3.36 5.46 15.15
C PRO C 109 -4.12 4.16 14.83
N THR C 110 -4.98 4.23 13.83
CA THR C 110 -5.71 3.06 13.33
C THR C 110 -4.74 2.20 12.53
N LEU C 111 -5.00 0.89 12.47
CA LEU C 111 -4.08 -0.05 11.85
C LEU C 111 -3.63 0.30 10.42
N HIS C 112 -4.50 0.86 9.59
CA HIS C 112 -4.12 1.25 8.23
C HIS C 112 -3.33 2.56 8.16
N ALA C 113 -3.34 3.30 9.26
CA ALA C 113 -2.63 4.58 9.31
C ALA C 113 -1.19 4.36 9.70
N LYS C 114 -0.92 3.32 10.50
CA LYS C 114 0.45 3.01 10.85
C LYS C 114 1.07 1.87 10.05
N TYR C 115 0.25 0.90 9.65
CA TYR C 115 0.74 -0.17 8.78
C TYR C 115 0.22 0.05 7.34
N ASP C 116 -0.77 -0.76 6.95
CA ASP C 116 -1.47 -0.58 5.68
C ASP C 116 -2.88 -1.14 5.72
N GLU C 117 -3.63 -0.89 4.66
CA GLU C 117 -5.03 -1.28 4.56
C GLU C 117 -5.21 -2.79 4.65
N THR C 118 -4.30 -3.52 4.01
CA THR C 118 -4.27 -4.98 4.04
C THR C 118 -4.27 -5.53 5.46
N THR C 119 -3.32 -5.05 6.27
CA THR C 119 -3.15 -5.43 7.66
C THR C 119 -4.44 -5.26 8.46
N ALA C 120 -5.04 -4.09 8.32
CA ALA C 120 -6.31 -3.75 8.97
C ALA C 120 -7.48 -4.71 8.64
N VAL C 121 -7.70 -4.96 7.34
CA VAL C 121 -8.68 -5.97 6.93
C VAL C 121 -8.42 -7.30 7.62
N LEU C 122 -7.20 -7.80 7.45
CA LEU C 122 -6.83 -9.12 7.94
C LEU C 122 -6.88 -9.26 9.46
N ILE C 123 -6.43 -8.24 10.18
CA ILE C 123 -6.53 -8.27 11.65
C ILE C 123 -7.97 -8.16 12.14
N GLY C 124 -8.76 -7.27 11.52
CA GLY C 124 -10.22 -7.31 11.66
C GLY C 124 -10.80 -8.72 11.52
N ASP C 125 -10.51 -9.39 10.40
CA ASP C 125 -10.96 -10.78 10.16
C ASP C 125 -10.49 -11.74 11.22
N ALA C 126 -9.22 -11.61 11.62
CA ALA C 126 -8.62 -12.41 12.66
C ALA C 126 -9.35 -12.26 13.99
N LEU C 127 -9.61 -11.02 14.38
CA LEU C 127 -10.37 -10.75 15.60
C LEU C 127 -11.84 -11.20 15.58
N ASN C 128 -12.50 -11.05 14.43
CA ASN C 128 -13.81 -11.67 14.16
C ASN C 128 -13.78 -13.17 14.51
N THR C 129 -12.85 -13.90 13.92
CA THR C 129 -12.71 -15.35 14.10
C THR C 129 -12.27 -15.69 15.51
N TYR C 130 -11.35 -14.90 16.06
CA TYR C 130 -10.81 -15.12 17.41
C TYR C 130 -11.86 -15.06 18.53
N SER C 131 -12.83 -14.17 18.39
CA SER C 131 -14.00 -14.12 19.28
C SER C 131 -14.62 -15.50 19.52
N PHE C 132 -14.75 -16.27 18.44
CA PHE C 132 -15.37 -17.59 18.49
C PHE C 132 -14.43 -18.64 19.03
N GLU C 133 -13.13 -18.45 18.79
CA GLU C 133 -12.10 -19.30 19.41
C GLU C 133 -12.07 -19.16 20.93
N LEU C 134 -12.13 -17.91 21.42
CA LEU C 134 -12.11 -17.62 22.86
C LEU C 134 -13.31 -18.24 23.53
N LEU C 135 -14.48 -18.02 22.94
CA LEU C 135 -15.75 -18.56 23.42
C LEU C 135 -15.73 -20.09 23.53
N SER C 136 -15.35 -20.76 22.45
CA SER C 136 -15.31 -22.24 22.42
C SER C 136 -14.28 -22.91 23.35
N ASN C 137 -13.26 -22.16 23.75
CA ASN C 137 -12.24 -22.69 24.67
C ASN C 137 -12.51 -22.38 26.14
N ALA C 138 -13.53 -21.56 26.41
CA ALA C 138 -13.97 -21.29 27.79
C ALA C 138 -14.60 -22.52 28.43
N LEU C 139 -14.12 -22.91 29.59
CA LEU C 139 -14.49 -24.19 30.20
C LEU C 139 -15.72 -24.07 31.08
N LEU C 140 -16.86 -23.89 30.43
CA LEU C 140 -18.17 -24.04 31.05
C LEU C 140 -18.79 -25.28 30.44
N GLU C 141 -20.02 -25.60 30.82
CA GLU C 141 -20.72 -26.77 30.27
C GLU C 141 -20.99 -26.54 28.78
N SER C 142 -20.79 -27.59 27.99
CA SER C 142 -20.82 -27.48 26.53
C SER C 142 -22.08 -26.84 25.94
N HIS C 143 -23.24 -27.16 26.53
CA HIS C 143 -24.50 -26.58 26.08
C HIS C 143 -24.60 -25.05 26.31
N ILE C 144 -23.93 -24.56 27.36
CA ILE C 144 -23.86 -23.11 27.65
C ILE C 144 -23.06 -22.41 26.55
N ILE C 145 -21.92 -23.01 26.20
CA ILE C 145 -21.00 -22.49 25.19
C ILE C 145 -21.71 -22.38 23.84
N VAL C 146 -22.44 -23.43 23.47
CA VAL C 146 -23.17 -23.45 22.20
C VAL C 146 -24.19 -22.32 22.13
N GLU C 147 -24.95 -22.15 23.21
CA GLU C 147 -25.89 -21.03 23.34
C GLU C 147 -25.24 -19.65 23.26
N LEU C 148 -24.07 -19.47 23.87
CA LEU C 148 -23.36 -18.19 23.82
C LEU C 148 -22.88 -17.87 22.40
N ILE C 149 -22.38 -18.91 21.72
CA ILE C 149 -21.96 -18.81 20.33
C ILE C 149 -23.12 -18.48 19.40
N LYS C 150 -24.26 -19.15 19.60
CA LYS C 150 -25.50 -18.84 18.87
C LYS C 150 -25.86 -17.36 19.00
N ILE C 151 -25.80 -16.86 20.23
CA ILE C 151 -26.17 -15.47 20.55
C ILE C 151 -25.18 -14.47 19.96
N LEU C 152 -23.88 -14.69 20.15
CA LEU C 152 -22.87 -13.78 19.62
C LEU C 152 -22.87 -13.76 18.08
N SER C 153 -22.96 -14.93 17.46
CA SER C 153 -22.94 -15.00 16.00
C SER C 153 -24.19 -14.44 15.33
N ALA C 154 -25.36 -14.68 15.92
CA ALA C 154 -26.62 -14.09 15.41
C ALA C 154 -26.66 -12.57 15.53
N ASN C 155 -26.26 -12.04 16.69
CA ASN C 155 -26.32 -10.61 16.94
C ASN C 155 -25.19 -9.79 16.27
N GLY C 156 -24.02 -10.41 16.12
CA GLY C 156 -22.87 -9.75 15.51
C GLY C 156 -22.77 -9.92 14.00
N GLY C 157 -23.69 -10.71 13.45
CA GLY C 157 -23.64 -11.09 12.04
C GLY C 157 -24.51 -10.30 11.08
N ILE C 158 -24.82 -10.93 9.95
CA ILE C 158 -25.63 -10.37 8.86
C ILE C 158 -27.01 -9.86 9.28
N LYS C 159 -27.62 -10.53 10.27
CA LYS C 159 -28.96 -10.16 10.75
C LYS C 159 -28.91 -9.17 11.91
N GLY C 160 -27.73 -8.80 12.35
CA GLY C 160 -27.56 -7.83 13.42
C GLY C 160 -26.57 -6.74 13.10
N MET C 161 -25.40 -6.78 13.75
CA MET C 161 -24.40 -5.69 13.72
C MET C 161 -23.96 -5.27 12.31
N ILE C 162 -23.76 -6.27 11.45
CA ILE C 162 -23.31 -6.07 10.07
C ILE C 162 -24.35 -5.42 9.17
N LEU C 163 -25.61 -5.81 9.32
CA LEU C 163 -26.69 -5.11 8.65
C LEU C 163 -26.68 -3.62 8.98
N GLY C 164 -26.58 -3.30 10.27
CA GLY C 164 -26.54 -1.91 10.72
C GLY C 164 -25.35 -1.11 10.19
N GLN C 165 -24.18 -1.75 10.11
CA GLN C 165 -22.99 -1.12 9.56
C GLN C 165 -23.13 -0.89 8.05
N ALA C 166 -23.68 -1.89 7.34
CA ALA C 166 -23.90 -1.76 5.89
C ALA C 166 -24.87 -0.64 5.55
N LEU C 167 -25.95 -0.55 6.32
CA LEU C 167 -26.93 0.55 6.16
C LEU C 167 -26.31 1.93 6.40
N ASP C 168 -25.47 2.02 7.41
CA ASP C 168 -24.85 3.30 7.76
C ASP C 168 -23.92 3.80 6.65
N CYS C 169 -23.14 2.90 6.08
CA CYS C 169 -22.27 3.23 4.94
C CYS C 169 -23.04 3.56 3.69
N TYR C 170 -23.97 2.68 3.32
CA TYR C 170 -24.72 2.84 2.10
C TYR C 170 -25.55 4.11 2.10
N PHE C 171 -26.19 4.39 3.25
CA PHE C 171 -27.09 5.55 3.32
C PHE C 171 -26.47 6.82 3.87
N GLU C 172 -25.17 6.98 3.65
CA GLU C 172 -24.42 8.13 4.10
C GLU C 172 -25.00 9.46 3.59
N ASN C 173 -25.38 9.50 2.32
CA ASN C 173 -25.90 10.74 1.73
C ASN C 173 -27.40 10.75 1.53
N THR C 174 -28.09 9.87 2.25
CA THR C 174 -29.55 9.79 2.19
C THR C 174 -30.11 10.05 3.58
N PRO C 175 -30.95 11.10 3.73
CA PRO C 175 -31.69 11.33 4.96
C PRO C 175 -32.75 10.26 5.24
N LEU C 176 -32.55 9.50 6.31
CA LEU C 176 -33.48 8.47 6.71
C LEU C 176 -34.54 9.04 7.66
N ASN C 177 -35.78 8.55 7.59
CA ASN C 177 -36.80 8.98 8.56
C ASN C 177 -36.58 8.32 9.93
N LEU C 178 -37.47 8.61 10.89
CA LEU C 178 -37.28 8.16 12.26
C LEU C 178 -37.26 6.63 12.39
N GLU C 179 -38.20 5.98 11.69
CA GLU C 179 -38.34 4.53 11.74
C GLU C 179 -37.12 3.81 11.17
N GLN C 180 -36.56 4.35 10.09
CA GLN C 180 -35.42 3.68 9.47
C GLN C 180 -34.10 3.99 10.18
N LEU C 181 -33.99 5.20 10.74
CA LEU C 181 -32.86 5.58 11.60
C LEU C 181 -32.82 4.76 12.91
N THR C 182 -33.95 4.66 13.61
CA THR C 182 -34.06 3.78 14.77
C THR C 182 -33.58 2.37 14.39
N PHE C 183 -34.15 1.83 13.30
CA PHE C 183 -33.82 0.48 12.78
C PHE C 183 -32.34 0.32 12.54
N LEU C 184 -31.73 1.30 11.87
CA LEU C 184 -30.30 1.31 11.61
C LEU C 184 -29.51 1.15 12.91
N HIS C 185 -29.80 2.01 13.88
CA HIS C 185 -29.04 2.08 15.10
C HIS C 185 -29.36 0.92 16.05
N GLU C 186 -30.57 0.37 15.94
CA GLU C 186 -30.93 -0.85 16.68
C GLU C 186 -30.04 -2.01 16.26
N HIS C 187 -29.69 -2.07 14.97
CA HIS C 187 -28.84 -3.15 14.45
C HIS C 187 -27.35 -2.88 14.61
N LYS C 188 -26.92 -1.68 14.24
CA LYS C 188 -25.53 -1.29 14.33
C LYS C 188 -24.97 -1.32 15.76
N THR C 189 -25.71 -0.76 16.72
CA THR C 189 -25.25 -0.58 18.10
C THR C 189 -25.97 -1.45 19.14
N ALA C 190 -27.30 -1.42 19.13
CA ALA C 190 -28.10 -2.02 20.22
C ALA C 190 -28.03 -3.54 20.27
N LYS C 191 -27.79 -4.14 19.12
CA LYS C 191 -27.82 -5.59 19.00
C LYS C 191 -26.72 -6.28 19.83
N LEU C 192 -25.48 -5.79 19.71
CA LEU C 192 -24.35 -6.28 20.51
C LEU C 192 -24.47 -5.97 22.02
N ILE C 193 -25.02 -4.80 22.35
CA ILE C 193 -25.35 -4.43 23.73
C ILE C 193 -26.38 -5.38 24.35
N SER C 194 -27.45 -5.70 23.61
CA SER C 194 -28.45 -6.65 24.11
C SER C 194 -27.89 -8.06 24.23
N ALA C 195 -27.01 -8.42 23.28
CA ALA C 195 -26.29 -9.69 23.31
C ALA C 195 -25.43 -9.83 24.58
N SER C 196 -24.63 -8.82 24.91
CA SER C 196 -23.84 -8.77 26.16
C SER C 196 -24.66 -9.07 27.41
N LEU C 197 -25.86 -8.50 27.48
CA LEU C 197 -26.76 -8.71 28.61
C LEU C 197 -27.23 -10.15 28.71
N ILE C 198 -27.88 -10.67 27.66
CA ILE C 198 -28.38 -12.06 27.66
C ILE C 198 -27.29 -13.11 27.71
N MET C 199 -26.09 -12.79 27.20
CA MET C 199 -24.94 -13.72 27.35
C MET C 199 -24.53 -13.88 28.83
N GLY C 200 -24.74 -12.83 29.63
CA GLY C 200 -24.47 -12.87 31.06
C GLY C 200 -25.37 -13.86 31.79
N LEU C 201 -26.65 -13.85 31.42
CA LEU C 201 -27.66 -14.74 32.00
C LEU C 201 -27.39 -16.18 31.58
N VAL C 202 -27.18 -16.41 30.29
CA VAL C 202 -26.86 -17.72 29.77
C VAL C 202 -25.58 -18.30 30.41
N ALA C 203 -24.53 -17.49 30.47
CA ALA C 203 -23.26 -17.90 31.09
C ALA C 203 -23.37 -18.30 32.57
N SER C 204 -24.32 -17.69 33.30
CA SER C 204 -24.52 -17.96 34.73
C SER C 204 -25.13 -19.34 34.97
N GLY C 205 -25.70 -19.92 33.93
CA GLY C 205 -26.21 -21.29 33.99
C GLY C 205 -27.58 -21.42 34.60
N ILE C 206 -28.23 -20.29 34.92
CA ILE C 206 -29.58 -20.34 35.49
C ILE C 206 -30.65 -20.19 34.42
N LYS C 207 -31.78 -20.86 34.66
CA LYS C 207 -32.89 -20.88 33.70
C LYS C 207 -33.95 -19.84 34.08
N ASP C 208 -34.12 -18.86 33.20
CA ASP C 208 -35.10 -17.79 33.40
C ASP C 208 -35.46 -17.16 32.06
N GLU C 209 -36.44 -17.77 31.39
CA GLU C 209 -36.90 -17.35 30.07
C GLU C 209 -37.60 -16.00 30.09
N GLU C 210 -38.17 -15.63 31.24
CA GLU C 210 -38.77 -14.31 31.41
C GLU C 210 -37.71 -13.21 31.54
N LEU C 211 -36.65 -13.51 32.29
CA LEU C 211 -35.54 -12.57 32.44
C LEU C 211 -34.83 -12.39 31.11
N PHE C 212 -34.61 -13.50 30.40
CA PHE C 212 -34.03 -13.51 29.06
C PHE C 212 -34.71 -12.52 28.13
N LYS C 213 -36.02 -12.65 27.97
CA LYS C 213 -36.82 -11.75 27.15
C LYS C 213 -36.68 -10.31 27.60
N TRP C 214 -36.68 -10.10 28.92
CA TRP C 214 -36.57 -8.75 29.51
C TRP C 214 -35.23 -8.10 29.20
N LEU C 215 -34.14 -8.86 29.41
CA LEU C 215 -32.79 -8.38 29.15
C LEU C 215 -32.59 -8.03 27.68
N GLN C 216 -33.06 -8.93 26.83
CA GLN C 216 -33.03 -8.78 25.38
C GLN C 216 -33.67 -7.46 24.95
N ALA C 217 -34.91 -7.23 25.37
CA ALA C 217 -35.65 -6.00 25.07
C ALA C 217 -35.03 -4.75 25.70
N PHE C 218 -34.49 -4.91 26.90
CA PHE C 218 -33.87 -3.79 27.61
C PHE C 218 -32.59 -3.31 26.91
N GLY C 219 -31.80 -4.25 26.39
CA GLY C 219 -30.59 -3.93 25.64
C GLY C 219 -30.90 -3.13 24.39
N LEU C 220 -31.97 -3.51 23.70
CA LEU C 220 -32.43 -2.81 22.50
C LEU C 220 -32.76 -1.36 22.82
N LYS C 221 -33.49 -1.16 23.90
CA LYS C 221 -33.92 0.15 24.37
C LYS C 221 -32.72 0.99 24.85
N MET C 222 -31.83 0.37 25.61
CA MET C 222 -30.64 1.06 26.11
C MET C 222 -29.69 1.46 24.98
N GLY C 223 -29.42 0.51 24.07
CA GLY C 223 -28.56 0.73 22.91
C GLY C 223 -28.96 1.91 22.05
N LEU C 224 -30.26 2.03 21.78
CA LEU C 224 -30.80 3.18 21.06
C LEU C 224 -30.51 4.46 21.82
N CYS C 225 -30.82 4.46 23.11
CA CYS C 225 -30.60 5.62 23.97
C CYS C 225 -29.11 5.99 24.03
N PHE C 226 -28.27 4.97 24.22
CA PHE C 226 -26.81 5.05 24.14
C PHE C 226 -26.37 5.76 22.84
N GLN C 227 -27.05 5.44 21.73
CA GLN C 227 -26.72 5.98 20.42
C GLN C 227 -27.18 7.42 20.18
N VAL C 228 -28.38 7.77 20.66
CA VAL C 228 -28.89 9.14 20.51
C VAL C 228 -28.02 10.12 21.29
N LEU C 229 -27.57 9.71 22.48
CA LEU C 229 -26.63 10.48 23.29
C LEU C 229 -25.29 10.65 22.58
N ASP C 230 -24.81 9.57 21.97
CA ASP C 230 -23.55 9.52 21.24
C ASP C 230 -23.56 10.40 19.98
N ASP C 231 -24.75 10.74 19.50
CA ASP C 231 -24.92 11.70 18.40
C ASP C 231 -24.96 13.14 18.95
N ILE C 232 -25.42 13.29 20.19
CA ILE C 232 -25.56 14.60 20.84
C ILE C 232 -24.22 15.19 21.29
N ILE C 233 -23.36 14.33 21.85
CA ILE C 233 -22.00 14.68 22.27
C ILE C 233 -21.19 15.28 21.11
N ASP C 234 -21.36 14.72 19.92
CA ASP C 234 -20.57 15.06 18.72
C ASP C 234 -20.66 16.50 18.22
N VAL C 235 -21.72 17.21 18.59
CA VAL C 235 -21.85 18.63 18.26
C VAL C 235 -20.87 19.46 19.11
N THR C 236 -20.86 19.22 20.42
CA THR C 236 -19.91 19.86 21.32
C THR C 236 -18.56 19.15 21.27
N LYS C 252 -24.61 13.00 7.42
CA LYS C 252 -24.55 11.87 8.36
C LYS C 252 -25.93 11.45 8.85
N ASN C 253 -26.07 10.16 9.17
CA ASN C 253 -27.32 9.62 9.72
C ASN C 253 -27.37 9.77 11.24
N SER C 254 -27.78 10.95 11.70
CA SER C 254 -27.84 11.22 13.14
C SER C 254 -29.19 11.79 13.52
N PHE C 255 -29.62 11.46 14.74
CA PHE C 255 -30.86 11.98 15.29
C PHE C 255 -30.86 13.51 15.42
N VAL C 256 -29.67 14.09 15.57
CA VAL C 256 -29.47 15.55 15.57
C VAL C 256 -29.95 16.19 14.25
N ASN C 257 -29.44 15.69 13.12
CA ASN C 257 -29.83 16.21 11.81
C ASN C 257 -31.30 15.94 11.47
N LEU C 258 -31.79 14.79 11.91
CA LEU C 258 -33.18 14.42 11.68
C LEU C 258 -34.15 15.31 12.47
N LEU C 259 -33.82 15.56 13.74
CA LEU C 259 -34.74 16.21 14.67
C LEU C 259 -34.43 17.68 14.97
N GLY C 260 -33.14 18.03 15.00
CA GLY C 260 -32.68 19.31 15.52
C GLY C 260 -32.02 19.04 16.85
N LEU C 261 -30.97 19.81 17.17
CA LEU C 261 -30.19 19.66 18.41
C LEU C 261 -31.04 19.82 19.69
N GLU C 262 -32.03 20.70 19.61
CA GLU C 262 -33.02 20.91 20.65
C GLU C 262 -33.90 19.67 20.86
N ARG C 263 -34.47 19.18 19.76
CA ARG C 263 -35.44 18.08 19.79
C ARG C 263 -34.79 16.74 20.13
N ALA C 264 -33.53 16.59 19.73
CA ALA C 264 -32.75 15.39 20.00
C ALA C 264 -32.42 15.26 21.49
N ASN C 265 -32.09 16.39 22.12
CA ASN C 265 -31.88 16.48 23.57
C ASN C 265 -33.15 16.14 24.32
N ASN C 266 -34.28 16.65 23.82
CA ASN C 266 -35.60 16.35 24.34
C ASN C 266 -35.97 14.87 24.22
N TYR C 267 -35.56 14.24 23.12
CA TYR C 267 -35.81 12.83 22.86
C TYR C 267 -34.93 11.93 23.72
N ALA C 268 -33.67 12.32 23.88
CA ALA C 268 -32.71 11.54 24.66
C ALA C 268 -33.05 11.49 26.15
N GLN C 269 -33.57 12.60 26.69
CA GLN C 269 -33.97 12.68 28.09
C GLN C 269 -35.12 11.74 28.42
N THR C 270 -36.11 11.68 27.53
CA THR C 270 -37.29 10.83 27.72
C THR C 270 -36.96 9.34 27.56
N LEU C 271 -35.98 9.03 26.72
CA LEU C 271 -35.47 7.66 26.57
C LEU C 271 -34.68 7.23 27.81
N LYS C 272 -33.83 8.14 28.28
CA LYS C 272 -33.01 7.97 29.48
C LYS C 272 -33.92 7.68 30.68
N THR C 273 -34.97 8.49 30.80
CA THR C 273 -36.02 8.32 31.79
C THR C 273 -36.64 6.93 31.68
N GLU C 274 -37.04 6.55 30.47
CA GLU C 274 -37.72 5.27 30.25
C GLU C 274 -36.85 4.06 30.61
N VAL C 275 -35.56 4.15 30.29
CA VAL C 275 -34.58 3.11 30.60
C VAL C 275 -34.40 2.93 32.11
N LEU C 276 -34.23 4.05 32.82
CA LEU C 276 -34.09 4.04 34.27
C LEU C 276 -35.37 3.55 34.96
N ASN C 277 -36.53 3.97 34.45
CA ASN C 277 -37.83 3.52 34.95
C ASN C 277 -38.09 2.05 34.70
N ASP C 278 -37.69 1.56 33.52
CA ASP C 278 -37.88 0.15 33.19
C ASP C 278 -37.02 -0.70 34.09
N LEU C 279 -35.91 -0.12 34.53
CA LEU C 279 -34.97 -0.79 35.43
C LEU C 279 -35.58 -0.97 36.83
N ASP C 280 -36.42 -0.03 37.26
CA ASP C 280 -37.18 -0.14 38.52
C ASP C 280 -38.06 -1.38 38.59
N ALA C 281 -38.36 -1.99 37.44
CA ALA C 281 -39.08 -3.26 37.38
C ALA C 281 -38.28 -4.46 37.89
N LEU C 282 -36.96 -4.34 37.91
CA LEU C 282 -36.11 -5.44 38.36
C LEU C 282 -36.04 -5.59 39.88
N LYS C 283 -36.20 -4.46 40.59
CA LYS C 283 -36.12 -4.38 42.06
C LYS C 283 -36.82 -5.48 42.90
N PRO C 284 -38.08 -5.86 42.57
CA PRO C 284 -38.69 -6.96 43.33
C PRO C 284 -37.98 -8.31 43.27
N ALA C 285 -37.84 -8.89 42.08
CA ALA C 285 -37.27 -10.25 41.97
C ALA C 285 -35.76 -10.30 41.79
N TYR C 286 -35.17 -9.24 41.24
CA TYR C 286 -33.71 -9.20 41.00
C TYR C 286 -33.04 -7.91 41.45
N PRO C 287 -32.97 -7.66 42.77
CA PRO C 287 -32.39 -6.40 43.24
C PRO C 287 -30.86 -6.29 43.07
N LEU C 288 -30.16 -7.43 43.04
CA LEU C 288 -28.71 -7.41 42.84
C LEU C 288 -28.36 -7.07 41.40
N LEU C 289 -29.13 -7.63 40.46
CA LEU C 289 -29.02 -7.32 39.05
C LEU C 289 -29.33 -5.87 38.77
N GLN C 290 -30.43 -5.40 39.36
CA GLN C 290 -30.84 -4.00 39.27
C GLN C 290 -29.76 -3.05 39.81
N GLU C 291 -29.12 -3.42 40.92
CA GLU C 291 -28.10 -2.60 41.56
C GLU C 291 -26.88 -2.39 40.68
N ASN C 292 -26.42 -3.48 40.07
CA ASN C 292 -25.26 -3.48 39.17
C ASN C 292 -25.53 -2.69 37.91
N LEU C 293 -26.66 -2.98 37.28
CA LEU C 293 -27.10 -2.28 36.06
C LEU C 293 -27.36 -0.81 36.27
N ASN C 294 -27.95 -0.46 37.42
CA ASN C 294 -28.22 0.93 37.74
C ASN C 294 -26.93 1.72 37.89
N ALA C 295 -25.98 1.14 38.60
CA ALA C 295 -24.69 1.77 38.86
C ALA C 295 -23.89 2.01 37.58
N LEU C 296 -23.83 0.99 36.73
CA LEU C 296 -23.20 1.08 35.41
C LEU C 296 -23.82 2.18 34.55
N LEU C 297 -25.14 2.18 34.48
CA LEU C 297 -25.88 3.14 33.66
C LEU C 297 -25.79 4.57 34.16
N ASN C 298 -25.78 4.75 35.48
CA ASN C 298 -25.62 6.08 36.06
C ASN C 298 -24.26 6.72 35.79
N THR C 299 -23.20 5.90 35.85
CA THR C 299 -21.85 6.32 35.49
C THR C 299 -21.79 6.67 34.00
N LEU C 300 -22.41 5.83 33.18
CA LEU C 300 -22.48 6.05 31.74
C LEU C 300 -23.21 7.34 31.37
N PHE C 301 -24.32 7.63 32.05
CA PHE C 301 -25.11 8.84 31.79
C PHE C 301 -24.48 10.11 32.36
N LYS C 302 -23.52 9.96 33.27
CA LYS C 302 -22.75 11.10 33.80
C LYS C 302 -21.82 11.69 32.74
N SER D 4 -20.60 -48.13 -9.79
CA SER D 4 -19.64 -47.61 -8.76
C SER D 4 -19.38 -48.68 -7.69
N SER D 5 -19.58 -48.34 -6.41
CA SER D 5 -19.36 -49.25 -5.27
C SER D 5 -20.22 -48.76 -4.09
N PRO D 6 -20.73 -49.69 -3.23
CA PRO D 6 -21.81 -49.35 -2.28
C PRO D 6 -21.53 -48.18 -1.33
N ASN D 7 -20.36 -48.20 -0.69
CA ASN D 7 -19.89 -47.10 0.14
C ASN D 7 -19.61 -45.85 -0.69
N LEU D 8 -18.99 -46.04 -1.85
CA LEU D 8 -18.54 -44.96 -2.69
C LEU D 8 -19.68 -44.27 -3.43
N SER D 9 -20.73 -45.04 -3.73
CA SER D 9 -21.88 -44.50 -4.43
C SER D 9 -22.74 -43.68 -3.48
N PHE D 10 -22.77 -44.10 -2.22
CA PHE D 10 -23.48 -43.40 -1.18
C PHE D 10 -22.83 -42.04 -0.93
N TYR D 11 -21.50 -42.06 -0.84
CA TYR D 11 -20.70 -40.86 -0.69
C TYR D 11 -20.96 -39.88 -1.83
N TYR D 12 -20.78 -40.32 -3.08
CA TYR D 12 -21.03 -39.47 -4.26
C TYR D 12 -22.44 -38.88 -4.31
N ASN D 13 -23.42 -39.67 -3.85
CA ASN D 13 -24.80 -39.22 -3.77
C ASN D 13 -24.99 -38.12 -2.72
N GLU D 14 -24.35 -38.26 -1.55
CA GLU D 14 -24.39 -37.22 -0.51
C GLU D 14 -23.72 -35.92 -0.90
N CYS D 15 -22.66 -35.99 -1.71
CA CYS D 15 -22.02 -34.80 -2.28
C CYS D 15 -22.92 -34.06 -3.26
N GLU D 16 -23.74 -34.82 -3.99
CA GLU D 16 -24.73 -34.24 -4.89
C GLU D 16 -25.85 -33.60 -4.09
N ARG D 17 -26.24 -34.25 -2.99
CA ARG D 17 -27.29 -33.76 -2.12
C ARG D 17 -26.89 -32.49 -1.38
N PHE D 18 -25.63 -32.44 -0.94
CA PHE D 18 -25.08 -31.21 -0.35
C PHE D 18 -25.10 -30.00 -1.31
N GLU D 19 -24.76 -30.20 -2.59
CA GLU D 19 -24.82 -29.10 -3.56
C GLU D 19 -26.24 -28.54 -3.72
N SER D 20 -27.24 -29.41 -3.58
CA SER D 20 -28.63 -28.97 -3.61
C SER D 20 -29.02 -28.27 -2.33
N PHE D 21 -28.57 -28.81 -1.20
CA PHE D 21 -28.76 -28.18 0.10
C PHE D 21 -28.26 -26.72 0.08
N LEU D 22 -27.05 -26.53 -0.42
CA LEU D 22 -26.43 -25.25 -0.50
C LEU D 22 -27.16 -24.31 -1.44
N LYS D 23 -27.49 -24.82 -2.60
CA LYS D 23 -28.26 -24.12 -3.64
C LYS D 23 -29.61 -23.60 -3.12
N ASN D 24 -30.25 -24.38 -2.25
CA ASN D 24 -31.58 -24.08 -1.73
C ASN D 24 -31.55 -23.60 -0.29
N HIS D 25 -30.36 -23.22 0.18
CA HIS D 25 -30.21 -22.56 1.48
C HIS D 25 -30.52 -21.08 1.29
N HIS D 26 -31.55 -20.61 1.97
CA HIS D 26 -31.94 -19.21 1.90
C HIS D 26 -31.92 -18.60 3.29
N LEU D 27 -31.41 -17.38 3.38
CA LEU D 27 -31.45 -16.64 4.62
C LEU D 27 -32.41 -15.47 4.49
N HIS D 28 -33.33 -15.38 5.43
CA HIS D 28 -34.33 -14.33 5.47
C HIS D 28 -33.68 -13.03 5.93
N LEU D 29 -33.42 -12.14 5.00
CA LEU D 29 -32.85 -10.84 5.34
C LEU D 29 -33.76 -9.70 4.90
N GLU D 30 -34.69 -9.34 5.78
CA GLU D 30 -35.58 -8.22 5.54
C GLU D 30 -34.86 -6.92 5.90
N SER D 31 -34.56 -6.12 4.88
CA SER D 31 -34.05 -4.77 5.08
C SER D 31 -34.34 -3.84 3.89
N PHE D 32 -34.08 -2.57 4.10
CA PHE D 32 -34.24 -1.58 3.04
C PHE D 32 -32.92 -1.27 2.31
N HIS D 33 -31.92 -2.11 2.53
CA HIS D 33 -30.66 -2.07 1.77
C HIS D 33 -30.89 -2.71 0.42
N PRO D 34 -30.49 -2.04 -0.65
CA PRO D 34 -30.72 -2.54 -2.01
C PRO D 34 -30.48 -4.05 -2.10
N TYR D 35 -29.25 -4.48 -1.87
CA TYR D 35 -28.68 -5.61 -2.60
C TYR D 35 -27.93 -6.54 -1.67
N LEU D 36 -27.91 -6.20 -0.38
CA LEU D 36 -27.16 -6.98 0.60
C LEU D 36 -27.64 -8.42 0.64
N GLU D 37 -28.95 -8.61 0.78
CA GLU D 37 -29.52 -9.95 0.91
C GLU D 37 -29.09 -10.89 -0.22
N LYS D 38 -29.04 -10.36 -1.45
CA LYS D 38 -28.55 -11.12 -2.60
C LYS D 38 -27.04 -11.32 -2.56
N ALA D 39 -26.30 -10.23 -2.25
CA ALA D 39 -24.84 -10.25 -2.23
C ALA D 39 -24.26 -11.18 -1.19
N PHE D 40 -24.99 -11.40 -0.10
CA PHE D 40 -24.56 -12.30 0.97
C PHE D 40 -24.12 -13.68 0.46
N PHE D 41 -24.99 -14.35 -0.29
CA PHE D 41 -24.75 -15.74 -0.68
C PHE D 41 -24.31 -15.88 -2.14
N GLU D 42 -24.27 -14.74 -2.83
CA GLU D 42 -23.91 -14.67 -4.24
C GLU D 42 -22.57 -15.34 -4.57
N MET D 43 -21.55 -15.16 -3.73
CA MET D 43 -20.26 -15.80 -4.04
C MET D 43 -20.20 -17.25 -3.54
N VAL D 44 -21.04 -17.61 -2.61
CA VAL D 44 -21.19 -19.01 -2.28
C VAL D 44 -21.82 -19.79 -3.41
N LEU D 45 -22.92 -19.31 -3.93
CA LEU D 45 -23.63 -19.98 -4.99
C LEU D 45 -22.91 -20.00 -6.30
N ASN D 46 -22.04 -19.03 -6.52
CA ASN D 46 -21.26 -19.04 -7.71
C ASN D 46 -19.88 -19.57 -7.45
N GLY D 47 -19.75 -20.39 -6.43
CA GLY D 47 -18.47 -20.96 -6.05
C GLY D 47 -18.13 -22.22 -6.79
N GLY D 48 -16.99 -22.81 -6.47
CA GLY D 48 -16.38 -23.76 -7.35
C GLY D 48 -16.58 -25.17 -6.87
N LYS D 49 -15.50 -25.87 -6.64
CA LYS D 49 -15.52 -27.31 -6.55
C LYS D 49 -16.05 -27.90 -5.27
N ARG D 50 -16.01 -27.16 -4.18
CA ARG D 50 -16.60 -27.67 -2.98
C ARG D 50 -15.69 -28.73 -2.41
N PHE D 51 -14.41 -28.56 -2.65
CA PHE D 51 -13.41 -29.55 -2.23
C PHE D 51 -13.41 -29.80 -0.72
N ARG D 52 -13.60 -28.72 0.05
CA ARG D 52 -13.55 -28.82 1.49
C ARG D 52 -14.79 -29.51 2.10
N PRO D 53 -16.03 -29.14 1.67
CA PRO D 53 -17.17 -29.98 2.01
C PRO D 53 -17.03 -31.45 1.63
N LYS D 54 -16.48 -31.72 0.44
CA LYS D 54 -16.31 -33.11 -0.03
C LYS D 54 -15.32 -33.89 0.83
N LEU D 55 -14.23 -33.23 1.22
CA LEU D 55 -13.30 -33.78 2.21
C LEU D 55 -13.98 -34.18 3.52
N PHE D 56 -14.80 -33.26 4.03
CA PHE D 56 -15.54 -33.45 5.27
C PHE D 56 -16.50 -34.63 5.15
N LEU D 57 -17.25 -34.66 4.05
CA LEU D 57 -18.21 -35.73 3.81
C LEU D 57 -17.55 -37.10 3.54
N ALA D 58 -16.35 -37.10 2.95
CA ALA D 58 -15.60 -38.34 2.71
C ALA D 58 -15.30 -39.09 4.00
N VAL D 59 -14.83 -38.35 5.00
CA VAL D 59 -14.50 -38.91 6.30
C VAL D 59 -15.78 -39.28 7.03
N LEU D 60 -16.77 -38.40 6.97
CA LEU D 60 -17.96 -38.56 7.78
C LEU D 60 -18.84 -39.74 7.39
N CYS D 61 -19.26 -39.78 6.13
CA CYS D 61 -20.17 -40.85 5.74
C CYS D 61 -19.49 -42.18 5.40
N ALA D 62 -18.17 -42.23 5.51
CA ALA D 62 -17.45 -43.49 5.57
C ALA D 62 -17.37 -44.01 7.01
N LEU D 63 -17.35 -43.10 7.97
CA LEU D 63 -17.18 -43.47 9.38
C LEU D 63 -18.49 -43.68 10.13
N VAL D 64 -19.58 -43.11 9.61
CA VAL D 64 -20.89 -43.32 10.21
C VAL D 64 -21.77 -44.19 9.29
N GLY D 65 -22.63 -44.99 9.93
CA GLY D 65 -23.53 -45.92 9.23
C GLY D 65 -24.66 -45.20 8.52
N GLN D 66 -25.03 -45.75 7.35
CA GLN D 66 -25.99 -45.14 6.43
C GLN D 66 -27.36 -44.81 7.05
N LYS D 67 -27.80 -45.62 7.99
CA LYS D 67 -29.10 -45.39 8.66
C LYS D 67 -28.99 -44.38 9.81
N ASP D 68 -27.86 -44.39 10.51
CA ASP D 68 -27.56 -43.41 11.56
C ASP D 68 -27.32 -42.02 10.99
N TYR D 69 -26.81 -42.00 9.75
CA TYR D 69 -26.50 -40.78 9.02
C TYR D 69 -27.75 -40.02 8.60
N SER D 70 -28.77 -40.77 8.17
CA SER D 70 -29.97 -40.20 7.55
C SER D 70 -30.79 -39.32 8.47
N ASN D 71 -30.79 -39.67 9.76
CA ASN D 71 -31.48 -38.88 10.80
C ASN D 71 -30.86 -37.51 11.01
N GLN D 72 -29.55 -37.40 10.79
CA GLN D 72 -28.81 -36.18 11.05
C GLN D 72 -28.17 -35.57 9.80
N GLN D 73 -28.66 -35.95 8.61
CA GLN D 73 -28.11 -35.50 7.33
C GLN D 73 -28.08 -33.98 7.14
N THR D 74 -29.16 -33.32 7.53
CA THR D 74 -29.27 -31.88 7.45
C THR D 74 -28.22 -31.22 8.34
N GLU D 75 -28.01 -31.81 9.52
CA GLU D 75 -27.06 -31.29 10.51
C GLU D 75 -25.61 -31.37 10.03
N TYR D 76 -25.27 -32.45 9.33
CA TYR D 76 -23.95 -32.62 8.74
C TYR D 76 -23.76 -31.70 7.56
N PHE D 77 -24.86 -31.38 6.89
CA PHE D 77 -24.84 -30.48 5.75
C PHE D 77 -24.56 -29.04 6.17
N LYS D 78 -25.11 -28.59 7.30
CA LYS D 78 -24.79 -27.24 7.76
C LYS D 78 -23.39 -27.07 8.32
N ILE D 79 -22.79 -28.15 8.82
CA ILE D 79 -21.37 -28.15 9.16
C ILE D 79 -20.48 -28.03 7.93
N ALA D 80 -20.82 -28.78 6.88
CA ALA D 80 -20.11 -28.76 5.62
C ALA D 80 -20.21 -27.38 4.96
N LEU D 81 -21.42 -26.80 5.02
CA LEU D 81 -21.67 -25.43 4.56
C LEU D 81 -20.89 -24.38 5.35
N SER D 82 -20.72 -24.59 6.66
CA SER D 82 -19.96 -23.66 7.50
C SER D 82 -18.49 -23.56 7.04
N ILE D 83 -17.89 -24.69 6.69
CA ILE D 83 -16.56 -24.75 6.13
C ILE D 83 -16.48 -24.00 4.79
N GLU D 84 -17.53 -24.15 3.97
CA GLU D 84 -17.59 -23.52 2.66
C GLU D 84 -17.82 -22.01 2.76
N CYS D 85 -18.59 -21.58 3.75
CA CYS D 85 -18.77 -20.15 4.06
C CYS D 85 -17.46 -19.46 4.45
N LEU D 86 -16.69 -20.14 5.30
CA LEU D 86 -15.39 -19.65 5.74
C LEU D 86 -14.42 -19.56 4.56
N HIS D 87 -14.40 -20.59 3.72
CA HIS D 87 -13.58 -20.57 2.52
C HIS D 87 -13.96 -19.40 1.58
N THR D 88 -15.27 -19.17 1.42
CA THR D 88 -15.79 -18.11 0.54
C THR D 88 -15.41 -16.71 1.00
N TYR D 89 -15.54 -16.44 2.31
CA TYR D 89 -15.20 -15.12 2.85
C TYR D 89 -13.74 -14.79 2.55
N SER D 90 -12.86 -15.79 2.67
CA SER D 90 -11.43 -15.61 2.44
C SER D 90 -11.11 -15.25 0.99
N LEU D 91 -11.89 -15.78 0.06
CA LEU D 91 -11.76 -15.44 -1.35
C LEU D 91 -12.25 -14.04 -1.63
N ILE D 92 -13.38 -13.69 -1.04
CA ILE D 92 -13.92 -12.33 -1.16
C ILE D 92 -12.87 -11.28 -0.74
N HIS D 93 -12.31 -11.46 0.45
CA HIS D 93 -11.30 -10.55 0.96
C HIS D 93 -10.00 -10.59 0.19
N ASP D 94 -9.59 -11.77 -0.25
CA ASP D 94 -8.45 -11.92 -1.15
C ASP D 94 -8.60 -11.14 -2.47
N ASP D 95 -9.82 -11.07 -3.01
CA ASP D 95 -10.10 -10.37 -4.27
C ASP D 95 -10.09 -8.84 -4.20
N LEU D 96 -10.10 -8.28 -2.98
CA LEU D 96 -10.21 -6.84 -2.74
C LEU D 96 -9.08 -6.02 -3.38
N PRO D 97 -9.33 -4.75 -3.75
CA PRO D 97 -8.29 -3.89 -4.31
C PRO D 97 -6.98 -3.80 -3.51
N CYS D 98 -7.06 -3.86 -2.19
CA CYS D 98 -5.85 -3.80 -1.36
C CYS D 98 -5.08 -5.14 -1.32
N MET D 99 -5.71 -6.21 -1.81
CA MET D 99 -5.03 -7.50 -1.95
C MET D 99 -4.92 -7.86 -3.44
N ASP D 100 -5.59 -8.90 -3.92
CA ASP D 100 -5.41 -9.35 -5.33
C ASP D 100 -6.02 -8.46 -6.40
N ASN D 101 -6.97 -7.61 -6.02
CA ASN D 101 -7.65 -6.68 -6.94
C ASN D 101 -8.23 -7.38 -8.18
N ALA D 102 -9.00 -8.42 -7.93
CA ALA D 102 -9.59 -9.19 -9.00
C ALA D 102 -11.00 -8.67 -9.32
N ALA D 103 -11.29 -8.49 -10.60
CA ALA D 103 -12.63 -8.03 -11.02
C ALA D 103 -13.56 -9.22 -11.26
N LEU D 104 -12.97 -10.39 -11.51
CA LEU D 104 -13.75 -11.59 -11.81
C LEU D 104 -13.31 -12.76 -10.95
N ARG D 105 -14.25 -13.65 -10.66
CA ARG D 105 -13.93 -14.94 -10.09
C ARG D 105 -14.93 -15.95 -10.62
N ARG D 106 -14.40 -17.02 -11.24
CA ARG D 106 -15.20 -18.06 -11.93
C ARG D 106 -16.14 -17.45 -12.97
N ASN D 107 -15.62 -16.45 -13.69
CA ASN D 107 -16.35 -15.69 -14.71
C ASN D 107 -17.58 -14.90 -14.23
N HIS D 108 -17.65 -14.65 -12.93
CA HIS D 108 -18.69 -13.84 -12.30
C HIS D 108 -18.01 -12.60 -11.68
N PRO D 109 -18.66 -11.43 -11.78
CA PRO D 109 -18.07 -10.25 -11.13
C PRO D 109 -17.95 -10.43 -9.62
N THR D 110 -16.83 -9.93 -9.09
CA THR D 110 -16.56 -9.93 -7.65
C THR D 110 -17.46 -8.86 -7.00
N LEU D 111 -17.67 -8.98 -5.69
CA LEU D 111 -18.61 -8.11 -4.98
C LEU D 111 -18.21 -6.64 -4.99
N HIS D 112 -16.90 -6.36 -4.92
CA HIS D 112 -16.45 -4.97 -4.99
C HIS D 112 -16.57 -4.38 -6.39
N ALA D 113 -16.57 -5.25 -7.40
CA ALA D 113 -16.74 -4.82 -8.78
C ALA D 113 -18.20 -4.55 -9.09
N LYS D 114 -19.09 -5.50 -8.80
CA LYS D 114 -20.47 -5.28 -9.19
C LYS D 114 -21.23 -4.37 -8.23
N TYR D 115 -20.84 -4.38 -6.96
CA TYR D 115 -21.50 -3.53 -5.97
C TYR D 115 -20.57 -2.40 -5.55
N ASP D 116 -19.91 -2.55 -4.42
CA ASP D 116 -18.88 -1.62 -3.97
C ASP D 116 -17.95 -2.29 -2.98
N GLU D 117 -16.84 -1.62 -2.68
CA GLU D 117 -15.82 -2.17 -1.81
C GLU D 117 -16.29 -2.46 -0.38
N THR D 118 -17.13 -1.59 0.18
CA THR D 118 -17.66 -1.68 1.52
C THR D 118 -18.50 -2.95 1.66
N THR D 119 -19.36 -3.18 0.68
CA THR D 119 -20.24 -4.35 0.57
C THR D 119 -19.41 -5.62 0.55
N ALA D 120 -18.35 -5.61 -0.27
CA ALA D 120 -17.40 -6.71 -0.33
C ALA D 120 -16.72 -6.99 1.02
N VAL D 121 -16.24 -5.93 1.68
CA VAL D 121 -15.64 -6.10 3.01
C VAL D 121 -16.65 -6.67 4.03
N LEU D 122 -17.83 -6.07 4.11
CA LEU D 122 -18.83 -6.46 5.11
C LEU D 122 -19.44 -7.83 4.89
N ILE D 123 -19.65 -8.20 3.64
CA ILE D 123 -20.13 -9.53 3.30
C ILE D 123 -19.08 -10.59 3.57
N GLY D 124 -17.81 -10.28 3.28
CA GLY D 124 -16.70 -11.06 3.82
C GLY D 124 -16.82 -11.33 5.34
N ASP D 125 -17.02 -10.27 6.11
CA ASP D 125 -17.18 -10.36 7.57
C ASP D 125 -18.40 -11.21 8.01
N ALA D 126 -19.54 -11.02 7.35
CA ALA D 126 -20.77 -11.76 7.64
C ALA D 126 -20.68 -13.22 7.37
N LEU D 127 -19.99 -13.59 6.30
CA LEU D 127 -19.74 -14.99 6.01
C LEU D 127 -18.76 -15.65 6.98
N ASN D 128 -17.75 -14.91 7.41
CA ASN D 128 -16.86 -15.33 8.50
C ASN D 128 -17.69 -15.68 9.76
N THR D 129 -18.51 -14.73 10.21
CA THR D 129 -19.33 -14.90 11.42
C THR D 129 -20.41 -15.99 11.25
N TYR D 130 -20.99 -16.08 10.06
CA TYR D 130 -22.04 -17.04 9.73
C TYR D 130 -21.61 -18.51 9.80
N SER D 131 -20.35 -18.79 9.50
CA SER D 131 -19.79 -20.13 9.68
C SER D 131 -20.02 -20.66 11.09
N PHE D 132 -19.85 -19.80 12.08
CA PHE D 132 -20.00 -20.22 13.46
C PHE D 132 -21.47 -20.28 13.90
N GLU D 133 -22.30 -19.39 13.34
CA GLU D 133 -23.76 -19.52 13.49
C GLU D 133 -24.27 -20.85 12.94
N LEU D 134 -23.84 -21.20 11.73
CA LEU D 134 -24.19 -22.49 11.13
C LEU D 134 -23.79 -23.70 11.97
N LEU D 135 -22.57 -23.66 12.50
CA LEU D 135 -22.05 -24.71 13.37
C LEU D 135 -22.85 -24.82 14.67
N SER D 136 -23.04 -23.68 15.34
CA SER D 136 -23.73 -23.64 16.62
C SER D 136 -25.22 -24.01 16.53
N ASN D 137 -25.78 -23.93 15.33
CA ASN D 137 -27.16 -24.33 15.10
C ASN D 137 -27.35 -25.76 14.55
N ALA D 138 -26.25 -26.51 14.43
CA ALA D 138 -26.33 -27.91 14.00
C ALA D 138 -26.65 -28.80 15.20
N LEU D 139 -27.71 -29.59 15.06
CA LEU D 139 -28.26 -30.33 16.18
C LEU D 139 -27.57 -31.68 16.36
N LEU D 140 -26.33 -31.62 16.82
CA LEU D 140 -25.59 -32.78 17.27
C LEU D 140 -25.36 -32.56 18.75
N GLU D 141 -24.67 -33.50 19.40
CA GLU D 141 -24.35 -33.38 20.83
C GLU D 141 -23.51 -32.14 21.05
N SER D 142 -23.79 -31.42 22.14
CA SER D 142 -23.20 -30.09 22.34
C SER D 142 -21.67 -30.10 22.46
N HIS D 143 -21.11 -31.20 22.97
CA HIS D 143 -19.66 -31.36 23.06
C HIS D 143 -18.99 -31.58 21.69
N ILE D 144 -19.75 -32.11 20.73
CA ILE D 144 -19.29 -32.25 19.36
C ILE D 144 -19.18 -30.86 18.74
N ILE D 145 -20.26 -30.08 18.86
CA ILE D 145 -20.33 -28.74 18.29
C ILE D 145 -19.20 -27.86 18.80
N VAL D 146 -18.99 -27.86 20.12
CA VAL D 146 -17.91 -27.10 20.74
C VAL D 146 -16.55 -27.47 20.13
N GLU D 147 -16.28 -28.77 20.07
CA GLU D 147 -15.05 -29.29 19.47
C GLU D 147 -14.86 -28.90 17.99
N LEU D 148 -15.95 -28.88 17.23
CA LEU D 148 -15.89 -28.47 15.82
C LEU D 148 -15.57 -26.99 15.67
N ILE D 149 -16.24 -26.17 16.49
CA ILE D 149 -16.03 -24.73 16.55
C ILE D 149 -14.59 -24.35 16.90
N LYS D 150 -14.02 -25.05 17.89
CA LYS D 150 -12.59 -24.93 18.24
C LYS D 150 -11.67 -25.13 17.05
N ILE D 151 -11.87 -26.24 16.33
CA ILE D 151 -11.06 -26.61 15.18
C ILE D 151 -11.17 -25.60 14.03
N LEU D 152 -12.39 -25.20 13.69
CA LEU D 152 -12.60 -24.27 12.60
C LEU D 152 -11.97 -22.89 12.89
N SER D 153 -12.25 -22.37 14.09
CA SER D 153 -11.72 -21.07 14.50
C SER D 153 -10.20 -21.05 14.64
N ALA D 154 -9.62 -22.13 15.16
CA ALA D 154 -8.15 -22.25 15.28
C ALA D 154 -7.45 -22.32 13.92
N ASN D 155 -8.02 -23.09 12.99
CA ASN D 155 -7.39 -23.30 11.70
C ASN D 155 -7.67 -22.19 10.68
N GLY D 156 -8.82 -21.53 10.84
CA GLY D 156 -9.25 -20.46 9.93
C GLY D 156 -8.82 -19.08 10.40
N GLY D 157 -8.32 -19.00 11.63
CA GLY D 157 -7.97 -17.73 12.25
C GLY D 157 -6.51 -17.32 12.16
N ILE D 158 -6.12 -16.46 13.09
CA ILE D 158 -4.79 -15.84 13.17
C ILE D 158 -3.61 -16.83 13.20
N LYS D 159 -3.81 -18.00 13.80
CA LYS D 159 -2.74 -19.01 13.91
C LYS D 159 -2.69 -19.95 12.71
N GLY D 160 -3.74 -19.91 11.89
CA GLY D 160 -3.84 -20.73 10.68
C GLY D 160 -3.94 -19.89 9.41
N MET D 161 -5.13 -19.92 8.81
CA MET D 161 -5.40 -19.35 7.50
C MET D 161 -4.97 -17.89 7.31
N ILE D 162 -5.20 -17.05 8.33
CA ILE D 162 -4.93 -15.62 8.26
C ILE D 162 -3.43 -15.31 8.37
N LEU D 163 -2.70 -16.09 9.16
CA LEU D 163 -1.23 -16.03 9.12
C LEU D 163 -0.70 -16.22 7.69
N GLY D 164 -1.17 -17.27 7.03
CA GLY D 164 -0.81 -17.56 5.65
C GLY D 164 -1.15 -16.42 4.71
N GLN D 165 -2.37 -15.92 4.80
CA GLN D 165 -2.78 -14.77 4.00
C GLN D 165 -1.93 -13.52 4.28
N ALA D 166 -1.59 -13.29 5.55
CA ALA D 166 -0.79 -12.12 5.93
C ALA D 166 0.65 -12.20 5.42
N LEU D 167 1.29 -13.36 5.59
CA LEU D 167 2.61 -13.61 5.03
C LEU D 167 2.62 -13.46 3.51
N ASP D 168 1.59 -13.97 2.84
CA ASP D 168 1.49 -13.89 1.38
C ASP D 168 1.36 -12.47 0.83
N CYS D 169 0.69 -11.60 1.60
CA CYS D 169 0.57 -10.20 1.25
C CYS D 169 1.82 -9.41 1.60
N TYR D 170 2.34 -9.60 2.81
CA TYR D 170 3.52 -8.89 3.24
C TYR D 170 4.74 -9.23 2.37
N PHE D 171 4.88 -10.50 1.99
CA PHE D 171 6.05 -10.94 1.25
C PHE D 171 5.76 -11.15 -0.24
N GLU D 172 4.81 -10.40 -0.77
CA GLU D 172 4.32 -10.52 -2.16
C GLU D 172 5.41 -10.36 -3.25
N ASN D 173 6.27 -9.35 -3.11
CA ASN D 173 7.40 -9.20 -4.05
C ASN D 173 8.78 -9.37 -3.38
N THR D 174 8.81 -10.17 -2.32
CA THR D 174 10.04 -10.61 -1.68
C THR D 174 10.27 -12.09 -1.99
N PRO D 175 11.44 -12.44 -2.56
CA PRO D 175 11.83 -13.85 -2.79
C PRO D 175 11.91 -14.67 -1.49
N LEU D 176 11.11 -15.72 -1.40
CA LEU D 176 11.10 -16.57 -0.21
C LEU D 176 11.83 -17.88 -0.49
N ASN D 177 12.58 -18.35 0.51
CA ASN D 177 13.24 -19.65 0.40
C ASN D 177 12.23 -20.80 0.57
N LEU D 178 12.70 -22.03 0.47
CA LEU D 178 11.83 -23.22 0.45
C LEU D 178 11.04 -23.40 1.74
N GLU D 179 11.74 -23.21 2.85
CA GLU D 179 11.22 -23.46 4.19
C GLU D 179 10.08 -22.49 4.51
N GLN D 180 10.23 -21.26 4.07
CA GLN D 180 9.26 -20.24 4.40
C GLN D 180 8.05 -20.28 3.46
N LEU D 181 8.30 -20.59 2.18
CA LEU D 181 7.22 -20.80 1.19
C LEU D 181 6.31 -21.99 1.56
N THR D 182 6.90 -23.08 2.02
CA THR D 182 6.17 -24.24 2.52
C THR D 182 5.33 -23.85 3.73
N PHE D 183 5.91 -23.05 4.63
CA PHE D 183 5.24 -22.58 5.85
C PHE D 183 4.02 -21.73 5.50
N LEU D 184 4.23 -20.85 4.54
CA LEU D 184 3.21 -19.95 4.04
C LEU D 184 2.00 -20.73 3.52
N HIS D 185 2.25 -21.68 2.61
CA HIS D 185 1.18 -22.47 2.02
C HIS D 185 0.54 -23.48 2.97
N GLU D 186 1.32 -23.98 3.93
CA GLU D 186 0.81 -24.78 5.05
C GLU D 186 -0.26 -23.99 5.81
N HIS D 187 -0.03 -22.70 6.01
CA HIS D 187 -0.99 -21.90 6.77
C HIS D 187 -2.16 -21.41 5.93
N LYS D 188 -1.84 -20.87 4.76
CA LYS D 188 -2.84 -20.29 3.87
C LYS D 188 -3.84 -21.28 3.30
N THR D 189 -3.36 -22.44 2.88
CA THR D 189 -4.18 -23.43 2.17
C THR D 189 -4.42 -24.72 2.97
N ALA D 190 -3.34 -25.32 3.48
CA ALA D 190 -3.37 -26.67 4.04
C ALA D 190 -4.15 -26.79 5.35
N LYS D 191 -4.08 -25.73 6.15
CA LYS D 191 -4.69 -25.69 7.47
C LYS D 191 -6.20 -25.89 7.45
N LEU D 192 -6.88 -25.18 6.54
CA LEU D 192 -8.31 -25.37 6.34
C LEU D 192 -8.66 -26.74 5.71
N ILE D 193 -7.79 -27.25 4.85
CA ILE D 193 -7.96 -28.57 4.25
C ILE D 193 -7.85 -29.70 5.31
N SER D 194 -6.93 -29.56 6.25
CA SER D 194 -6.82 -30.54 7.35
C SER D 194 -7.96 -30.41 8.33
N ALA D 195 -8.36 -29.15 8.59
CA ALA D 195 -9.54 -28.86 9.42
C ALA D 195 -10.77 -29.64 8.94
N SER D 196 -11.07 -29.56 7.65
CA SER D 196 -12.19 -30.29 7.03
C SER D 196 -12.17 -31.80 7.31
N LEU D 197 -10.98 -32.39 7.22
CA LEU D 197 -10.78 -33.80 7.49
C LEU D 197 -11.01 -34.19 8.95
N ILE D 198 -10.38 -33.48 9.88
CA ILE D 198 -10.57 -33.76 11.30
C ILE D 198 -11.95 -33.41 11.82
N MET D 199 -12.59 -32.42 11.20
CA MET D 199 -13.96 -32.05 11.54
C MET D 199 -14.92 -33.19 11.18
N GLY D 200 -14.58 -33.93 10.12
CA GLY D 200 -15.33 -35.10 9.69
C GLY D 200 -15.33 -36.19 10.75
N LEU D 201 -14.16 -36.39 11.38
CA LEU D 201 -14.03 -37.40 12.42
C LEU D 201 -14.72 -36.96 13.70
N VAL D 202 -14.56 -35.68 14.07
CA VAL D 202 -15.23 -35.13 15.25
C VAL D 202 -16.75 -35.25 15.15
N ALA D 203 -17.28 -34.92 13.96
CA ALA D 203 -18.73 -34.95 13.71
C ALA D 203 -19.34 -36.35 13.69
N SER D 204 -18.53 -37.36 13.38
CA SER D 204 -18.98 -38.76 13.35
C SER D 204 -19.33 -39.29 14.75
N GLY D 205 -18.71 -38.71 15.77
CA GLY D 205 -18.98 -39.05 17.16
C GLY D 205 -18.02 -40.09 17.71
N ILE D 206 -17.28 -40.76 16.83
CA ILE D 206 -16.37 -41.82 17.25
C ILE D 206 -15.07 -41.24 17.83
N LYS D 207 -14.59 -41.84 18.91
CA LYS D 207 -13.36 -41.42 19.59
C LYS D 207 -12.19 -42.24 19.05
N ASP D 208 -11.14 -41.56 18.59
CA ASP D 208 -9.97 -42.18 17.97
C ASP D 208 -8.82 -41.19 17.87
N GLU D 209 -7.96 -41.20 18.89
CA GLU D 209 -6.79 -40.31 18.95
C GLU D 209 -5.76 -40.58 17.85
N GLU D 210 -5.64 -41.86 17.50
CA GLU D 210 -4.76 -42.33 16.42
C GLU D 210 -5.15 -41.76 15.07
N LEU D 211 -6.43 -41.89 14.73
CA LEU D 211 -6.97 -41.44 13.47
C LEU D 211 -6.98 -39.92 13.36
N PHE D 212 -7.24 -39.25 14.48
CA PHE D 212 -7.22 -37.79 14.57
C PHE D 212 -5.89 -37.21 14.12
N LYS D 213 -4.80 -37.64 14.77
CA LYS D 213 -3.45 -37.15 14.47
C LYS D 213 -3.05 -37.51 13.05
N TRP D 214 -3.52 -38.67 12.58
CA TRP D 214 -3.24 -39.12 11.22
C TRP D 214 -3.91 -38.24 10.19
N LEU D 215 -5.22 -38.03 10.35
CA LEU D 215 -6.00 -37.16 9.46
C LEU D 215 -5.42 -35.75 9.38
N GLN D 216 -5.15 -35.17 10.54
CA GLN D 216 -4.57 -33.83 10.65
C GLN D 216 -3.27 -33.69 9.87
N ALA D 217 -2.35 -34.62 10.09
CA ALA D 217 -1.05 -34.64 9.41
C ALA D 217 -1.20 -34.92 7.91
N PHE D 218 -2.13 -35.81 7.58
CA PHE D 218 -2.42 -36.13 6.18
C PHE D 218 -3.03 -34.95 5.42
N GLY D 219 -3.92 -34.21 6.10
CA GLY D 219 -4.56 -33.04 5.51
C GLY D 219 -3.57 -31.93 5.21
N LEU D 220 -2.59 -31.77 6.11
CA LEU D 220 -1.49 -30.84 5.91
C LEU D 220 -0.71 -31.18 4.64
N LYS D 221 -0.36 -32.47 4.51
CA LYS D 221 0.42 -32.97 3.38
C LYS D 221 -0.31 -32.87 2.05
N MET D 222 -1.56 -33.38 2.00
CA MET D 222 -2.44 -33.19 0.84
C MET D 222 -2.63 -31.72 0.51
N GLY D 223 -2.79 -30.90 1.56
CA GLY D 223 -2.95 -29.46 1.43
C GLY D 223 -1.83 -28.79 0.66
N LEU D 224 -0.58 -29.18 0.94
CA LEU D 224 0.59 -28.63 0.25
C LEU D 224 0.62 -29.06 -1.21
N CYS D 225 0.23 -30.31 -1.43
CA CYS D 225 0.17 -30.90 -2.76
C CYS D 225 -0.89 -30.18 -3.61
N PHE D 226 -2.07 -29.96 -3.01
CA PHE D 226 -3.15 -29.16 -3.59
C PHE D 226 -2.64 -27.80 -4.09
N GLN D 227 -1.91 -27.09 -3.22
CA GLN D 227 -1.37 -25.78 -3.53
C GLN D 227 -0.32 -25.79 -4.64
N VAL D 228 0.61 -26.74 -4.58
CA VAL D 228 1.65 -26.89 -5.63
C VAL D 228 0.98 -27.13 -6.98
N LEU D 229 -0.09 -27.92 -7.00
CA LEU D 229 -0.82 -28.19 -8.23
C LEU D 229 -1.56 -26.96 -8.74
N ASP D 230 -2.07 -26.14 -7.82
CA ASP D 230 -2.67 -24.85 -8.15
C ASP D 230 -1.65 -23.88 -8.74
N ASP D 231 -0.45 -23.85 -8.16
CA ASP D 231 0.63 -23.00 -8.68
C ASP D 231 1.03 -23.39 -10.11
N ILE D 232 0.78 -24.64 -10.46
CA ILE D 232 1.07 -25.14 -11.81
C ILE D 232 -0.08 -24.84 -12.77
N ILE D 233 -1.32 -25.10 -12.31
CA ILE D 233 -2.53 -24.76 -13.07
C ILE D 233 -2.55 -23.27 -13.44
N ASP D 234 -2.12 -22.42 -12.51
CA ASP D 234 -2.08 -20.96 -12.71
C ASP D 234 -1.07 -20.47 -13.77
N VAL D 235 -0.25 -21.38 -14.29
CA VAL D 235 0.63 -21.09 -15.42
C VAL D 235 0.29 -22.00 -16.62
N THR D 236 -0.57 -23.01 -16.37
CA THR D 236 -1.00 -23.95 -17.42
C THR D 236 -1.90 -23.28 -18.45
N GLN D 237 -3.05 -22.76 -17.98
CA GLN D 237 -4.04 -22.15 -18.86
C GLN D 237 -4.83 -21.07 -18.14
N LEU D 248 -1.26 -6.26 -19.47
CA LEU D 248 -0.94 -6.37 -18.05
C LEU D 248 -0.63 -7.81 -17.63
N ASP D 249 0.12 -7.97 -16.55
CA ASP D 249 0.62 -9.27 -16.09
C ASP D 249 0.77 -9.25 -14.56
N SER D 250 0.69 -10.42 -13.91
CA SER D 250 0.90 -10.56 -12.46
C SER D 250 1.24 -11.99 -12.03
N ALA D 251 1.91 -12.12 -10.87
CA ALA D 251 2.15 -13.42 -10.19
C ALA D 251 2.44 -13.26 -8.69
N LYS D 252 2.31 -14.37 -7.95
CA LYS D 252 2.48 -14.38 -6.49
C LYS D 252 3.63 -15.34 -6.09
N ASN D 253 3.85 -15.53 -4.79
CA ASN D 253 4.82 -16.52 -4.28
C ASN D 253 4.38 -17.95 -4.60
N SER D 254 5.10 -18.58 -5.51
CA SER D 254 4.75 -19.94 -5.93
C SER D 254 5.96 -20.85 -5.99
N PHE D 255 5.71 -22.14 -6.12
CA PHE D 255 6.77 -23.12 -6.31
C PHE D 255 7.35 -23.08 -7.72
N VAL D 256 6.60 -22.54 -8.67
CA VAL D 256 7.10 -22.32 -10.02
C VAL D 256 8.18 -21.25 -10.05
N ASN D 257 8.02 -20.20 -9.24
CA ASN D 257 9.01 -19.14 -9.12
C ASN D 257 10.32 -19.66 -8.56
N LEU D 258 10.21 -20.37 -7.44
CA LEU D 258 11.35 -20.87 -6.69
C LEU D 258 12.07 -22.00 -7.41
N LEU D 259 11.31 -22.97 -7.92
CA LEU D 259 11.89 -24.18 -8.50
C LEU D 259 12.06 -24.15 -10.01
N GLY D 260 11.19 -23.42 -10.70
CA GLY D 260 11.04 -23.56 -12.16
C GLY D 260 9.87 -24.47 -12.43
N LEU D 261 9.27 -24.36 -13.61
CA LEU D 261 8.06 -25.13 -13.98
C LEU D 261 8.32 -26.64 -14.11
N GLU D 262 9.47 -26.97 -14.67
CA GLU D 262 9.96 -28.35 -14.79
C GLU D 262 9.98 -29.04 -13.43
N ARG D 263 10.74 -28.47 -12.51
CA ARG D 263 10.93 -29.04 -11.18
C ARG D 263 9.70 -28.95 -10.29
N ALA D 264 8.86 -27.93 -10.51
CA ALA D 264 7.60 -27.81 -9.78
C ALA D 264 6.67 -28.96 -10.13
N ASN D 265 6.66 -29.32 -11.41
CA ASN D 265 5.89 -30.47 -11.89
C ASN D 265 6.35 -31.81 -11.32
N ASN D 266 7.67 -32.02 -11.30
CA ASN D 266 8.29 -33.19 -10.68
C ASN D 266 7.97 -33.31 -9.19
N TYR D 267 8.00 -32.17 -8.51
CA TYR D 267 7.64 -32.10 -7.10
C TYR D 267 6.18 -32.48 -6.86
N ALA D 268 5.28 -31.93 -7.66
CA ALA D 268 3.86 -32.27 -7.55
C ALA D 268 3.64 -33.78 -7.78
N GLN D 269 4.33 -34.35 -8.77
CA GLN D 269 4.24 -35.79 -9.05
C GLN D 269 4.74 -36.68 -7.91
N THR D 270 5.86 -36.33 -7.28
CA THR D 270 6.35 -37.14 -6.16
C THR D 270 5.47 -36.93 -4.92
N LEU D 271 4.95 -35.70 -4.76
CA LEU D 271 4.00 -35.40 -3.68
C LEU D 271 2.71 -36.16 -3.88
N LYS D 272 2.20 -36.17 -5.11
CA LYS D 272 0.99 -36.92 -5.44
C LYS D 272 1.14 -38.40 -5.10
N THR D 273 2.27 -39.00 -5.49
CA THR D 273 2.60 -40.38 -5.15
C THR D 273 2.69 -40.57 -3.63
N GLU D 274 3.53 -39.77 -2.97
CA GLU D 274 3.65 -39.77 -1.51
C GLU D 274 2.33 -39.69 -0.76
N VAL D 275 1.43 -38.81 -1.20
CA VAL D 275 0.10 -38.65 -0.59
C VAL D 275 -0.77 -39.92 -0.74
N LEU D 276 -0.81 -40.46 -1.96
CA LEU D 276 -1.53 -41.70 -2.24
C LEU D 276 -0.91 -42.92 -1.54
N ASN D 277 0.42 -42.92 -1.42
CA ASN D 277 1.12 -43.97 -0.72
C ASN D 277 0.92 -43.92 0.80
N ASP D 278 0.79 -42.71 1.32
CA ASP D 278 0.49 -42.45 2.73
C ASP D 278 -0.90 -42.96 3.07
N LEU D 279 -1.80 -42.75 2.12
CA LEU D 279 -3.21 -43.11 2.20
C LEU D 279 -3.46 -44.63 2.18
N ASP D 280 -2.58 -45.38 1.53
CA ASP D 280 -2.69 -46.85 1.42
C ASP D 280 -2.49 -47.59 2.75
N ALA D 281 -1.96 -46.90 3.75
CA ALA D 281 -1.81 -47.43 5.11
C ALA D 281 -3.13 -47.45 5.88
N LEU D 282 -4.18 -46.92 5.27
CA LEU D 282 -5.54 -46.95 5.85
C LEU D 282 -6.31 -48.20 5.43
N LYS D 283 -5.88 -48.82 4.31
CA LYS D 283 -6.47 -50.05 3.79
C LYS D 283 -6.81 -51.16 4.80
N PRO D 284 -5.90 -51.47 5.77
CA PRO D 284 -6.32 -52.49 6.74
C PRO D 284 -7.35 -52.00 7.77
N ALA D 285 -7.00 -50.96 8.52
CA ALA D 285 -7.82 -50.50 9.65
C ALA D 285 -9.11 -49.73 9.28
N TYR D 286 -9.06 -48.94 8.22
CA TYR D 286 -10.23 -48.15 7.78
C TYR D 286 -10.43 -48.20 6.27
N PRO D 287 -10.86 -49.35 5.72
CA PRO D 287 -11.00 -49.47 4.26
C PRO D 287 -12.06 -48.55 3.61
N LEU D 288 -13.12 -48.22 4.34
CA LEU D 288 -14.19 -47.37 3.82
C LEU D 288 -13.76 -45.91 3.74
N LEU D 289 -13.00 -45.47 4.74
CA LEU D 289 -12.38 -44.14 4.75
C LEU D 289 -11.39 -44.05 3.59
N GLN D 290 -10.58 -45.08 3.42
CA GLN D 290 -9.56 -45.15 2.39
C GLN D 290 -10.19 -45.04 1.01
N GLU D 291 -11.31 -45.74 0.81
CA GLU D 291 -12.02 -45.77 -0.46
C GLU D 291 -12.53 -44.40 -0.89
N ASN D 292 -13.14 -43.66 0.04
CA ASN D 292 -13.64 -42.32 -0.24
C ASN D 292 -12.53 -41.30 -0.55
N LEU D 293 -11.50 -41.29 0.29
CA LEU D 293 -10.38 -40.37 0.16
C LEU D 293 -9.59 -40.62 -1.12
N ASN D 294 -9.40 -41.90 -1.45
CA ASN D 294 -8.71 -42.29 -2.66
C ASN D 294 -9.40 -41.79 -3.92
N ALA D 295 -10.73 -41.90 -3.94
CA ALA D 295 -11.54 -41.50 -5.08
C ALA D 295 -11.52 -40.00 -5.26
N LEU D 296 -11.59 -39.28 -4.15
CA LEU D 296 -11.55 -37.83 -4.15
C LEU D 296 -10.19 -37.33 -4.67
N LEU D 297 -9.12 -37.92 -4.15
CA LEU D 297 -7.76 -37.51 -4.56
C LEU D 297 -7.45 -37.86 -6.02
N ASN D 298 -7.85 -39.04 -6.46
CA ASN D 298 -7.73 -39.40 -7.87
C ASN D 298 -8.48 -38.43 -8.81
N THR D 299 -9.64 -37.97 -8.37
CA THR D 299 -10.41 -36.97 -9.12
C THR D 299 -9.68 -35.62 -9.15
N LEU D 300 -9.20 -35.19 -7.98
CA LEU D 300 -8.45 -33.94 -7.84
C LEU D 300 -7.23 -33.90 -8.76
N PHE D 301 -6.46 -34.98 -8.79
CA PHE D 301 -5.20 -35.01 -9.55
C PHE D 301 -5.39 -35.00 -11.08
N LYS D 302 -6.56 -35.43 -11.56
CA LYS D 302 -6.87 -35.45 -12.98
C LYS D 302 -7.90 -34.37 -13.34
S SO4 E . 3.63 45.89 -13.44
O1 SO4 E . 2.51 46.71 -12.99
O2 SO4 E . 3.94 44.88 -12.43
O3 SO4 E . 3.26 45.24 -14.70
O4 SO4 E . 4.78 46.77 -13.69
S SO4 F . 1.84 22.97 -0.44
O1 SO4 F . 1.73 21.51 -0.51
O2 SO4 F . 3.14 23.36 0.12
O3 SO4 F . 1.67 23.59 -1.75
O4 SO4 F . 0.80 23.46 0.47
S SO4 G . 31.52 10.90 -41.74
O1 SO4 G . 30.44 11.03 -42.71
O2 SO4 G . 31.16 9.89 -40.74
O3 SO4 G . 32.74 10.48 -42.41
O4 SO4 G . 31.71 12.21 -41.09
S SO4 H . 29.44 1.05 -17.53
O1 SO4 H . 28.29 0.26 -17.98
O2 SO4 H . 29.13 1.64 -16.22
O3 SO4 H . 30.62 0.20 -17.40
O4 SO4 H . 29.77 2.11 -18.50
S SO4 I . 38.60 20.76 -39.07
O1 SO4 I . 38.03 21.13 -37.78
O2 SO4 I . 39.73 19.85 -38.87
O3 SO4 I . 37.59 20.11 -39.91
O4 SO4 I . 39.06 21.98 -39.73
S SO4 J . -16.59 1.48 24.17
O1 SO4 J . -16.81 0.41 25.14
O2 SO4 J . -16.06 2.65 24.85
O3 SO4 J . -15.60 1.06 23.18
O4 SO4 J . -17.86 1.81 23.50
S SO4 K . -30.82 -11.24 42.08
O1 SO4 K . -29.75 -12.22 42.23
O2 SO4 K . -31.01 -10.51 43.33
O3 SO4 K . -32.03 -11.98 41.73
O4 SO4 K . -30.48 -10.28 41.04
S SO4 L . -13.91 -47.98 8.38
O1 SO4 L . -15.35 -48.08 8.66
O2 SO4 L . -13.13 -48.52 9.49
O3 SO4 L . -13.60 -48.73 7.17
O4 SO4 L . -13.54 -46.59 8.18
S SO4 M . -12.68 -23.52 -5.16
O1 SO4 M . -13.73 -23.34 -4.17
O2 SO4 M . -11.55 -24.26 -4.58
O3 SO4 M . -13.18 -24.29 -6.29
O4 SO4 M . -12.23 -22.20 -5.60
#